data_3WBF
#
_entry.id   3WBF
#
_cell.length_a   172.351
_cell.length_b   99.687
_cell.length_c   67.172
_cell.angle_alpha   90.00
_cell.angle_beta   108.52
_cell.angle_gamma   90.00
#
_symmetry.space_group_name_H-M   'C 1 2 1'
#
loop_
_entity.id
_entity.type
_entity.pdbx_description
1 polymer 'Diaminopimelate dehydrogenase'
2 non-polymer '2,6-DIAMINOPIMELIC ACID'
3 non-polymer GLYCEROL
4 non-polymer 'NADP NICOTINAMIDE-ADENINE-DINUCLEOTIDE PHOSPHATE'
5 water water
#
_entity_poly.entity_id   1
_entity_poly.type   'polypeptide(L)'
_entity_poly.pdbx_seq_one_letter_code
;HHHHHHMDKLRVAVVGYGNVGRYALEAVQAAPDMELVGVVRRKVLAATPPELTGVRVVTDISQLEGVQGALLCVPTRSVP
EYAEAMLRRGIHTVDSYDIHGDLADLRRRLDPVAREHGAAAVISAGWDPGTDSIIRALLEFMAPKGITYTNFGPGMSMGH
SVAVKAIPGVRDALSMTIPAGMGVHKRAVYVELEPGADFAEVERAIKTDPYFVRDETRVTQVESVSALMDVGHGVVMERK
GVSGATHNQLFRFEMRINNPALTAQVMVAALRAAARQKPGCYTMIEIPVIDYLPGDREAWIRKLV
;
_entity_poly.pdbx_strand_id   A,B,C
#
# COMPACT_ATOMS: atom_id res chain seq x y z
N LYS A 9 -40.46 -5.86 -4.03
CA LYS A 9 -39.15 -5.16 -4.22
C LYS A 9 -39.20 -4.24 -5.43
N LEU A 10 -38.30 -3.27 -5.46
CA LEU A 10 -38.24 -2.33 -6.57
C LEU A 10 -37.44 -2.97 -7.71
N ARG A 11 -38.09 -3.17 -8.86
CA ARG A 11 -37.45 -3.78 -10.02
C ARG A 11 -36.50 -2.77 -10.64
N VAL A 12 -35.21 -3.06 -10.56
CA VAL A 12 -34.19 -2.13 -11.05
C VAL A 12 -33.24 -2.58 -12.16
N ALA A 13 -32.90 -1.63 -13.04
CA ALA A 13 -31.99 -1.88 -14.16
C ALA A 13 -30.75 -1.00 -14.07
N VAL A 14 -29.59 -1.56 -14.39
CA VAL A 14 -28.36 -0.80 -14.38
C VAL A 14 -28.08 -0.38 -15.81
N VAL A 15 -27.97 0.93 -16.06
CA VAL A 15 -27.68 1.42 -17.41
C VAL A 15 -26.22 1.87 -17.48
N GLY A 16 -25.42 1.17 -18.29
CA GLY A 16 -24.01 1.49 -18.43
C GLY A 16 -23.15 0.60 -17.55
N TYR A 17 -22.53 -0.42 -18.16
CA TYR A 17 -21.70 -1.36 -17.41
C TYR A 17 -20.23 -0.96 -17.37
N GLY A 18 -19.95 0.21 -16.83
CA GLY A 18 -18.57 0.66 -16.71
C GLY A 18 -18.13 0.43 -15.28
N ASN A 19 -17.30 1.32 -14.76
CA ASN A 19 -16.83 1.22 -13.38
C ASN A 19 -17.99 1.32 -12.40
N VAL A 20 -18.69 2.45 -12.43
CA VAL A 20 -19.81 2.64 -11.52
C VAL A 20 -20.85 1.55 -11.75
N GLY A 21 -21.15 1.25 -13.01
CA GLY A 21 -22.13 0.23 -13.34
C GLY A 21 -21.81 -1.14 -12.74
N ARG A 22 -20.54 -1.52 -12.77
CA ARG A 22 -20.10 -2.80 -12.22
C ARG A 22 -20.44 -2.88 -10.74
N TYR A 23 -20.05 -1.86 -9.98
CA TYR A 23 -20.33 -1.83 -8.55
C TYR A 23 -21.84 -1.65 -8.34
N ALA A 24 -22.51 -0.92 -9.23
CA ALA A 24 -23.95 -0.71 -9.11
C ALA A 24 -24.68 -2.05 -9.07
N LEU A 25 -24.30 -2.94 -9.96
CA LEU A 25 -24.88 -4.27 -10.02
C LEU A 25 -24.71 -4.95 -8.66
N GLU A 26 -23.50 -4.90 -8.09
CA GLU A 26 -23.25 -5.52 -6.80
C GLU A 26 -24.08 -4.84 -5.70
N ALA A 27 -24.23 -3.53 -5.82
CA ALA A 27 -25.01 -2.77 -4.85
C ALA A 27 -26.48 -3.17 -4.89
N VAL A 28 -27.02 -3.35 -6.09
CA VAL A 28 -28.41 -3.74 -6.22
C VAL A 28 -28.59 -5.17 -5.67
N GLN A 29 -27.68 -6.08 -6.05
CA GLN A 29 -27.78 -7.46 -5.61
C GLN A 29 -27.76 -7.56 -4.08
N ALA A 30 -27.03 -6.68 -3.41
CA ALA A 30 -26.98 -6.71 -1.96
C ALA A 30 -28.15 -5.99 -1.27
N ALA A 31 -28.85 -5.15 -2.04
CA ALA A 31 -30.00 -4.39 -1.52
C ALA A 31 -31.15 -5.33 -1.12
N PRO A 32 -31.66 -5.20 0.12
CA PRO A 32 -32.75 -6.07 0.58
C PRO A 32 -34.10 -5.76 -0.05
N ASP A 33 -34.28 -4.54 -0.54
CA ASP A 33 -35.54 -4.12 -1.11
C ASP A 33 -35.50 -3.93 -2.63
N MET A 34 -34.54 -4.55 -3.29
CA MET A 34 -34.46 -4.40 -4.73
C MET A 34 -34.16 -5.68 -5.46
N GLU A 35 -34.59 -5.73 -6.72
CA GLU A 35 -34.39 -6.88 -7.56
C GLU A 35 -33.75 -6.41 -8.84
N LEU A 36 -32.63 -7.02 -9.22
CA LEU A 36 -31.95 -6.65 -10.46
C LEU A 36 -32.59 -7.34 -11.63
N VAL A 37 -33.29 -6.55 -12.46
CA VAL A 37 -33.94 -7.10 -13.63
C VAL A 37 -32.93 -7.41 -14.74
N GLY A 38 -32.02 -6.47 -14.99
CA GLY A 38 -31.02 -6.68 -16.03
C GLY A 38 -30.10 -5.48 -16.20
N VAL A 39 -29.19 -5.57 -17.17
CA VAL A 39 -28.24 -4.48 -17.43
C VAL A 39 -28.42 -4.01 -18.87
N VAL A 40 -28.38 -2.70 -19.09
CA VAL A 40 -28.51 -2.13 -20.43
C VAL A 40 -27.17 -1.65 -20.94
N ARG A 41 -26.66 -2.28 -22.00
CA ARG A 41 -25.37 -1.89 -22.56
C ARG A 41 -25.53 -1.49 -24.02
N ARG A 42 -24.64 -0.63 -24.50
CA ARG A 42 -24.70 -0.18 -25.89
C ARG A 42 -24.68 -1.37 -26.84
N LYS A 43 -23.97 -2.43 -26.47
CA LYS A 43 -23.93 -3.64 -27.27
C LYS A 43 -23.68 -4.86 -26.40
N VAL A 44 -24.12 -6.02 -26.88
CA VAL A 44 -23.97 -7.25 -26.12
C VAL A 44 -23.21 -8.28 -26.93
N LEU A 45 -21.91 -8.42 -26.66
CA LEU A 45 -21.07 -9.38 -27.37
C LEU A 45 -21.40 -10.81 -26.96
N ALA A 46 -20.98 -11.77 -27.80
CA ALA A 46 -21.25 -13.17 -27.55
C ALA A 46 -20.46 -13.67 -26.34
N ALA A 47 -19.35 -13.02 -26.04
CA ALA A 47 -18.54 -13.40 -24.90
C ALA A 47 -19.10 -12.72 -23.65
N THR A 48 -19.72 -13.52 -22.79
CA THR A 48 -20.33 -13.02 -21.56
C THR A 48 -19.33 -12.87 -20.41
N PRO A 49 -19.04 -11.62 -20.00
CA PRO A 49 -18.09 -11.49 -18.89
C PRO A 49 -18.61 -12.31 -17.70
N PRO A 50 -17.71 -13.01 -16.99
CA PRO A 50 -18.08 -13.85 -15.85
C PRO A 50 -19.21 -13.33 -14.97
N GLU A 51 -19.00 -12.17 -14.36
CA GLU A 51 -19.97 -11.58 -13.45
C GLU A 51 -21.38 -11.37 -14.00
N LEU A 52 -21.53 -11.38 -15.32
CA LEU A 52 -22.84 -11.19 -15.94
C LEU A 52 -23.52 -12.50 -16.33
N THR A 53 -22.91 -13.61 -15.92
CA THR A 53 -23.45 -14.94 -16.18
C THR A 53 -24.73 -15.02 -15.36
N GLY A 54 -25.86 -15.31 -16.01
CA GLY A 54 -27.10 -15.39 -15.28
C GLY A 54 -27.82 -14.06 -15.13
N VAL A 55 -27.21 -13.00 -15.65
CA VAL A 55 -27.81 -11.67 -15.59
C VAL A 55 -28.27 -11.32 -17.00
N ARG A 56 -29.49 -10.81 -17.12
CA ARG A 56 -30.05 -10.46 -18.41
C ARG A 56 -29.43 -9.13 -18.90
N VAL A 57 -28.85 -9.17 -20.09
CA VAL A 57 -28.19 -7.99 -20.66
C VAL A 57 -28.75 -7.65 -22.04
N VAL A 58 -29.33 -6.47 -22.16
CA VAL A 58 -29.94 -6.02 -23.41
C VAL A 58 -29.43 -4.65 -23.83
N THR A 59 -29.86 -4.19 -25.00
CA THR A 59 -29.44 -2.88 -25.50
C THR A 59 -30.52 -1.81 -25.34
N ASP A 60 -31.73 -2.23 -24.95
CA ASP A 60 -32.81 -1.27 -24.74
C ASP A 60 -33.57 -1.67 -23.48
N ILE A 61 -33.78 -0.70 -22.59
CA ILE A 61 -34.46 -0.95 -21.33
C ILE A 61 -35.84 -1.59 -21.44
N SER A 62 -36.50 -1.41 -22.58
CA SER A 62 -37.83 -1.99 -22.75
C SER A 62 -37.83 -3.53 -22.82
N GLN A 63 -36.69 -4.13 -23.10
CA GLN A 63 -36.64 -5.60 -23.15
C GLN A 63 -36.32 -6.16 -21.77
N LEU A 64 -36.45 -5.30 -20.76
CA LEU A 64 -36.22 -5.72 -19.39
C LEU A 64 -37.55 -5.71 -18.67
N GLU A 65 -37.90 -6.87 -18.10
CA GLU A 65 -39.11 -7.10 -17.31
C GLU A 65 -40.03 -5.87 -17.17
N GLY A 66 -40.29 -5.49 -15.92
CA GLY A 66 -41.13 -4.35 -15.64
C GLY A 66 -40.35 -3.38 -14.78
N VAL A 67 -39.24 -2.90 -15.33
CA VAL A 67 -38.36 -1.97 -14.63
C VAL A 67 -39.04 -0.71 -14.12
N GLN A 68 -38.92 -0.52 -12.81
CA GLN A 68 -39.50 0.62 -12.13
C GLN A 68 -38.47 1.73 -11.93
N GLY A 69 -37.20 1.35 -11.76
CA GLY A 69 -36.14 2.34 -11.56
C GLY A 69 -34.89 2.01 -12.37
N ALA A 70 -34.11 3.04 -12.69
CA ALA A 70 -32.89 2.86 -13.45
C ALA A 70 -31.73 3.66 -12.87
N LEU A 71 -30.56 3.03 -12.82
CA LEU A 71 -29.36 3.70 -12.36
C LEU A 71 -28.60 4.09 -13.62
N LEU A 72 -28.49 5.39 -13.87
CA LEU A 72 -27.79 5.87 -15.06
C LEU A 72 -26.29 5.96 -14.77
N CYS A 73 -25.59 4.86 -15.03
CA CYS A 73 -24.16 4.79 -14.79
C CYS A 73 -23.40 5.12 -16.06
N VAL A 74 -23.87 6.14 -16.77
CA VAL A 74 -23.28 6.57 -18.03
C VAL A 74 -22.43 7.83 -17.81
N PRO A 75 -21.65 8.23 -18.82
CA PRO A 75 -20.83 9.43 -18.68
C PRO A 75 -21.71 10.62 -18.31
N THR A 76 -21.25 11.45 -17.40
CA THR A 76 -22.00 12.62 -16.98
C THR A 76 -22.54 13.48 -18.12
N ARG A 77 -21.78 13.59 -19.20
CA ARG A 77 -22.24 14.41 -20.33
C ARG A 77 -23.34 13.76 -21.15
N SER A 78 -23.62 12.50 -20.83
CA SER A 78 -24.68 11.73 -21.50
C SER A 78 -25.92 11.60 -20.62
N VAL A 79 -25.81 11.98 -19.36
CA VAL A 79 -26.90 11.85 -18.41
C VAL A 79 -28.22 12.52 -18.77
N PRO A 80 -28.19 13.79 -19.18
CA PRO A 80 -29.45 14.47 -19.51
C PRO A 80 -30.31 13.73 -20.51
N GLU A 81 -29.69 13.22 -21.58
CA GLU A 81 -30.43 12.50 -22.61
C GLU A 81 -30.96 11.16 -22.12
N TYR A 82 -30.17 10.44 -21.34
CA TYR A 82 -30.62 9.15 -20.82
C TYR A 82 -31.76 9.37 -19.83
N ALA A 83 -31.59 10.32 -18.92
CA ALA A 83 -32.61 10.60 -17.92
C ALA A 83 -33.95 10.89 -18.56
N GLU A 84 -33.96 11.82 -19.53
CA GLU A 84 -35.20 12.14 -20.20
C GLU A 84 -35.81 10.92 -20.88
N ALA A 85 -34.96 10.14 -21.54
CA ALA A 85 -35.42 8.95 -22.22
C ALA A 85 -36.13 8.05 -21.22
N MET A 86 -35.47 7.76 -20.10
CA MET A 86 -36.05 6.90 -19.06
C MET A 86 -37.31 7.49 -18.44
N LEU A 87 -37.25 8.76 -18.07
CA LEU A 87 -38.37 9.44 -17.45
C LEU A 87 -39.60 9.44 -18.34
N ARG A 88 -39.39 9.57 -19.65
CA ARG A 88 -40.51 9.57 -20.59
C ARG A 88 -41.17 8.20 -20.66
N ARG A 89 -40.59 7.21 -20.00
CA ARG A 89 -41.18 5.87 -20.00
C ARG A 89 -41.74 5.54 -18.64
N GLY A 90 -41.84 6.54 -17.78
CA GLY A 90 -42.37 6.34 -16.45
C GLY A 90 -41.41 5.63 -15.50
N ILE A 91 -40.13 5.62 -15.85
CA ILE A 91 -39.14 4.96 -15.01
C ILE A 91 -38.39 5.97 -14.13
N HIS A 92 -38.40 5.76 -12.82
CA HIS A 92 -37.68 6.64 -11.91
C HIS A 92 -36.22 6.50 -12.29
N THR A 93 -35.45 7.59 -12.14
CA THR A 93 -34.04 7.52 -12.50
C THR A 93 -33.13 8.14 -11.47
N VAL A 94 -31.88 7.67 -11.48
CA VAL A 94 -30.86 8.16 -10.58
C VAL A 94 -29.56 8.24 -11.35
N ASP A 95 -28.82 9.31 -11.13
CA ASP A 95 -27.54 9.48 -11.79
C ASP A 95 -26.60 10.14 -10.81
N SER A 96 -25.33 10.26 -11.18
CA SER A 96 -24.37 10.91 -10.33
C SER A 96 -23.77 12.12 -11.06
N TYR A 97 -24.57 12.73 -11.93
CA TYR A 97 -24.17 13.91 -12.71
C TYR A 97 -23.29 14.79 -11.81
N ASP A 98 -22.02 14.93 -12.16
CA ASP A 98 -21.11 15.69 -11.30
C ASP A 98 -20.68 17.10 -11.68
N ILE A 99 -21.36 17.72 -12.63
CA ILE A 99 -21.00 19.08 -13.01
C ILE A 99 -21.69 20.09 -12.07
N HIS A 100 -20.99 20.49 -11.01
CA HIS A 100 -21.54 21.41 -10.02
C HIS A 100 -22.05 22.68 -10.70
N GLY A 101 -21.34 23.13 -11.71
CA GLY A 101 -21.72 24.33 -12.43
C GLY A 101 -23.17 24.49 -12.83
N ASP A 102 -23.78 23.46 -13.38
CA ASP A 102 -25.16 23.56 -13.82
C ASP A 102 -26.11 22.42 -13.44
N LEU A 103 -25.80 21.67 -12.40
CA LEU A 103 -26.70 20.59 -12.01
C LEU A 103 -28.04 21.16 -11.57
N ALA A 104 -28.01 22.39 -11.06
CA ALA A 104 -29.25 23.04 -10.63
C ALA A 104 -30.14 23.27 -11.86
N ASP A 105 -29.50 23.53 -12.99
CA ASP A 105 -30.23 23.75 -14.23
C ASP A 105 -30.81 22.42 -14.73
N LEU A 106 -30.01 21.37 -14.66
CA LEU A 106 -30.46 20.04 -15.07
C LEU A 106 -31.71 19.69 -14.29
N ARG A 107 -31.68 19.95 -12.99
CA ARG A 107 -32.82 19.65 -12.12
C ARG A 107 -34.09 20.38 -12.59
N ARG A 108 -33.94 21.64 -13.01
CA ARG A 108 -35.09 22.39 -13.48
C ARG A 108 -35.57 21.84 -14.81
N ARG A 109 -34.64 21.35 -15.62
CA ARG A 109 -34.98 20.78 -16.91
C ARG A 109 -35.72 19.44 -16.77
N LEU A 110 -35.27 18.60 -15.85
CA LEU A 110 -35.91 17.29 -15.68
C LEU A 110 -37.20 17.30 -14.87
N ASP A 111 -37.34 18.26 -13.96
CA ASP A 111 -38.53 18.33 -13.12
C ASP A 111 -39.86 18.15 -13.85
N PRO A 112 -40.12 18.96 -14.89
CA PRO A 112 -41.38 18.80 -15.62
C PRO A 112 -41.50 17.49 -16.37
N VAL A 113 -40.40 17.02 -16.96
CA VAL A 113 -40.42 15.78 -17.69
C VAL A 113 -40.75 14.63 -16.74
N ALA A 114 -40.19 14.68 -15.54
CA ALA A 114 -40.45 13.66 -14.54
C ALA A 114 -41.88 13.75 -14.02
N ARG A 115 -42.34 14.96 -13.74
CA ARG A 115 -43.70 15.14 -13.23
C ARG A 115 -44.74 14.73 -14.27
N GLU A 116 -44.54 15.14 -15.51
CA GLU A 116 -45.49 14.81 -16.56
C GLU A 116 -45.55 13.33 -16.94
N HIS A 117 -44.67 12.52 -16.39
CA HIS A 117 -44.69 11.10 -16.70
C HIS A 117 -44.83 10.27 -15.42
N GLY A 118 -45.23 10.96 -14.36
CA GLY A 118 -45.45 10.30 -13.09
C GLY A 118 -44.25 9.56 -12.53
N ALA A 119 -43.06 10.12 -12.70
CA ALA A 119 -41.85 9.49 -12.20
C ALA A 119 -40.99 10.49 -11.44
N ALA A 120 -40.07 9.96 -10.65
CA ALA A 120 -39.16 10.79 -9.86
C ALA A 120 -37.73 10.63 -10.33
N ALA A 121 -36.98 11.72 -10.30
CA ALA A 121 -35.58 11.71 -10.71
C ALA A 121 -34.74 12.34 -9.61
N VAL A 122 -33.72 11.62 -9.16
CA VAL A 122 -32.80 12.16 -8.16
C VAL A 122 -31.48 12.25 -8.91
N ILE A 123 -31.05 13.48 -9.21
CA ILE A 123 -29.79 13.69 -9.93
C ILE A 123 -28.62 13.93 -9.01
N SER A 124 -27.42 13.88 -9.58
CA SER A 124 -26.18 14.14 -8.86
C SER A 124 -26.13 13.46 -7.50
N ALA A 125 -26.45 12.17 -7.48
CA ALA A 125 -26.48 11.39 -6.26
C ALA A 125 -25.29 10.44 -6.09
N GLY A 126 -24.09 11.01 -6.06
CA GLY A 126 -22.89 10.22 -5.82
C GLY A 126 -22.40 10.69 -4.46
N TRP A 127 -21.10 10.68 -4.20
CA TRP A 127 -20.68 11.17 -2.91
C TRP A 127 -20.33 12.66 -2.98
N ASP A 128 -20.13 13.17 -4.19
CA ASP A 128 -19.86 14.60 -4.37
C ASP A 128 -19.88 15.00 -5.83
N PRO A 129 -21.00 15.59 -6.29
CA PRO A 129 -22.19 15.91 -5.51
C PRO A 129 -22.91 14.65 -5.01
N GLY A 130 -23.72 14.81 -3.96
CA GLY A 130 -24.43 13.69 -3.37
C GLY A 130 -24.40 13.77 -1.87
N THR A 131 -23.81 12.76 -1.23
CA THR A 131 -23.72 12.75 0.21
C THR A 131 -22.92 13.93 0.78
N ASP A 132 -21.82 14.30 0.13
CA ASP A 132 -21.02 15.44 0.59
C ASP A 132 -21.85 16.72 0.62
N SER A 133 -22.83 16.81 -0.28
CA SER A 133 -23.69 17.98 -0.38
C SER A 133 -24.58 18.09 0.86
N ILE A 134 -25.09 16.96 1.33
CA ILE A 134 -25.92 16.95 2.52
C ILE A 134 -25.04 17.39 3.68
N ILE A 135 -23.80 16.94 3.69
CA ILE A 135 -22.88 17.30 4.76
C ILE A 135 -22.58 18.80 4.74
N ARG A 136 -22.38 19.36 3.54
CA ARG A 136 -22.11 20.80 3.45
C ARG A 136 -23.33 21.57 3.97
N ALA A 137 -24.52 21.06 3.70
CA ALA A 137 -25.73 21.73 4.17
C ALA A 137 -25.79 21.70 5.69
N LEU A 138 -25.51 20.55 6.29
CA LEU A 138 -25.52 20.47 7.76
C LEU A 138 -24.52 21.47 8.31
N LEU A 139 -23.28 21.42 7.84
CA LEU A 139 -22.26 22.34 8.31
C LEU A 139 -22.75 23.77 8.17
N GLU A 140 -23.44 24.05 7.07
CA GLU A 140 -23.96 25.38 6.78
C GLU A 140 -24.94 25.86 7.84
N PHE A 141 -25.86 25.01 8.27
CA PHE A 141 -26.82 25.50 9.26
C PHE A 141 -26.37 25.31 10.71
N MET A 142 -25.34 24.50 10.91
CA MET A 142 -24.82 24.28 12.25
C MET A 142 -23.97 25.48 12.68
N ALA A 143 -23.36 26.13 11.69
CA ALA A 143 -22.52 27.32 11.90
C ALA A 143 -22.63 28.22 10.65
N PRO A 144 -23.73 29.00 10.55
CA PRO A 144 -24.07 29.94 9.48
C PRO A 144 -23.01 30.90 8.96
N LYS A 145 -22.03 31.24 9.78
CA LYS A 145 -21.00 32.18 9.33
C LYS A 145 -19.62 31.56 9.33
N GLY A 146 -18.87 31.84 8.27
CA GLY A 146 -17.54 31.29 8.15
C GLY A 146 -17.42 30.69 6.76
N ILE A 147 -16.44 29.81 6.58
CA ILE A 147 -16.21 29.19 5.27
C ILE A 147 -15.99 27.68 5.34
N THR A 148 -16.49 26.97 4.34
CA THR A 148 -16.32 25.53 4.26
C THR A 148 -15.31 25.19 3.18
N TYR A 149 -14.44 24.22 3.46
CA TYR A 149 -13.43 23.80 2.50
C TYR A 149 -13.59 22.31 2.23
N THR A 150 -13.72 21.94 0.95
CA THR A 150 -13.86 20.55 0.55
C THR A 150 -12.58 20.17 -0.20
N ASN A 151 -11.73 19.38 0.45
CA ASN A 151 -10.46 18.96 -0.12
C ASN A 151 -10.48 17.49 -0.61
N PHE A 152 -10.27 17.29 -1.91
CA PHE A 152 -10.30 15.96 -2.52
C PHE A 152 -8.93 15.33 -2.74
N GLY A 153 -8.89 14.00 -2.65
CA GLY A 153 -7.66 13.26 -2.90
C GLY A 153 -6.69 13.04 -1.76
N PRO A 154 -5.51 12.45 -2.06
CA PRO A 154 -5.17 12.06 -3.43
C PRO A 154 -6.01 10.85 -3.89
N GLY A 155 -6.41 10.87 -5.14
CA GLY A 155 -7.21 9.78 -5.65
C GLY A 155 -7.68 9.99 -7.09
N MET A 156 -8.47 9.04 -7.57
CA MET A 156 -8.98 9.08 -8.93
C MET A 156 -10.36 9.70 -9.05
N SER A 157 -10.47 10.65 -9.97
CA SER A 157 -11.75 11.29 -10.25
C SER A 157 -12.30 10.50 -11.43
N MET A 158 -13.37 9.75 -11.20
CA MET A 158 -13.93 8.96 -12.28
C MET A 158 -14.41 9.88 -13.40
N GLY A 159 -15.00 11.02 -13.02
CA GLY A 159 -15.52 11.96 -14.01
C GLY A 159 -14.47 12.59 -14.91
N HIS A 160 -13.36 13.04 -14.33
CA HIS A 160 -12.31 13.64 -15.13
C HIS A 160 -11.67 12.58 -16.01
N SER A 161 -11.59 11.35 -15.51
CA SER A 161 -11.00 10.25 -16.27
C SER A 161 -11.83 9.94 -17.51
N VAL A 162 -13.15 9.95 -17.36
CA VAL A 162 -14.05 9.69 -18.47
C VAL A 162 -13.91 10.76 -19.54
N ALA A 163 -13.73 12.01 -19.11
CA ALA A 163 -13.59 13.12 -20.04
C ALA A 163 -12.32 12.96 -20.88
N VAL A 164 -11.23 12.55 -20.25
CA VAL A 164 -9.97 12.38 -20.96
C VAL A 164 -10.04 11.21 -21.94
N LYS A 165 -10.69 10.13 -21.52
CA LYS A 165 -10.84 8.95 -22.37
C LYS A 165 -11.66 9.28 -23.61
N ALA A 166 -12.47 10.31 -23.53
CA ALA A 166 -13.33 10.71 -24.64
C ALA A 166 -12.59 11.52 -25.70
N ILE A 167 -11.39 11.98 -25.40
CA ILE A 167 -10.62 12.77 -26.36
C ILE A 167 -10.00 11.86 -27.41
N PRO A 168 -10.13 12.24 -28.69
CA PRO A 168 -9.58 11.42 -29.78
C PRO A 168 -8.07 11.24 -29.66
N GLY A 169 -7.63 10.00 -29.64
CA GLY A 169 -6.21 9.71 -29.53
C GLY A 169 -5.84 9.06 -28.21
N VAL A 170 -6.72 9.21 -27.22
CA VAL A 170 -6.49 8.63 -25.90
C VAL A 170 -6.96 7.18 -25.88
N ARG A 171 -6.04 6.26 -25.59
CA ARG A 171 -6.37 4.84 -25.54
C ARG A 171 -6.95 4.51 -24.16
N ASP A 172 -6.37 5.11 -23.13
CA ASP A 172 -6.82 4.91 -21.76
C ASP A 172 -6.26 6.08 -20.94
N ALA A 173 -6.94 6.44 -19.86
CA ALA A 173 -6.46 7.57 -19.07
C ALA A 173 -6.81 7.53 -17.60
N LEU A 174 -5.95 8.17 -16.81
CA LEU A 174 -6.12 8.28 -15.37
C LEU A 174 -5.96 9.74 -14.96
N SER A 175 -6.98 10.29 -14.30
CA SER A 175 -6.93 11.66 -13.84
C SER A 175 -6.98 11.70 -12.32
N MET A 176 -5.84 11.97 -11.70
CA MET A 176 -5.79 12.03 -10.25
C MET A 176 -5.95 13.44 -9.73
N THR A 177 -6.63 13.57 -8.59
CA THR A 177 -6.86 14.85 -7.98
C THR A 177 -5.96 14.93 -6.76
N ILE A 178 -5.24 16.03 -6.64
CA ILE A 178 -4.31 16.25 -5.54
C ILE A 178 -4.76 17.47 -4.74
N PRO A 179 -4.94 17.31 -3.43
CA PRO A 179 -5.37 18.42 -2.58
C PRO A 179 -4.24 19.40 -2.27
N ALA A 180 -4.41 20.65 -2.68
CA ALA A 180 -3.40 21.68 -2.42
C ALA A 180 -3.74 22.40 -1.13
N GLY A 181 -4.89 22.07 -0.55
CA GLY A 181 -5.34 22.70 0.68
C GLY A 181 -6.24 23.88 0.42
N MET A 182 -7.00 24.28 1.42
CA MET A 182 -7.90 25.43 1.28
C MET A 182 -8.80 25.33 0.06
N GLY A 183 -9.33 24.15 -0.22
CA GLY A 183 -10.22 24.00 -1.37
C GLY A 183 -9.57 24.00 -2.73
N VAL A 184 -8.26 24.23 -2.78
CA VAL A 184 -7.52 24.25 -4.03
C VAL A 184 -7.05 22.85 -4.43
N HIS A 185 -7.11 22.55 -5.71
CA HIS A 185 -6.66 21.24 -6.19
C HIS A 185 -5.77 21.31 -7.43
N LYS A 186 -4.90 20.32 -7.53
CA LYS A 186 -3.99 20.18 -8.66
C LYS A 186 -4.41 18.86 -9.32
N ARG A 187 -4.37 18.80 -10.64
CA ARG A 187 -4.77 17.57 -11.33
C ARG A 187 -3.61 17.02 -12.13
N ALA A 188 -3.34 15.72 -11.96
CA ALA A 188 -2.26 15.06 -12.68
C ALA A 188 -2.88 13.98 -13.56
N VAL A 189 -2.78 14.17 -14.87
CA VAL A 189 -3.36 13.22 -15.81
C VAL A 189 -2.30 12.34 -16.46
N TYR A 190 -2.59 11.04 -16.49
CA TYR A 190 -1.69 10.06 -17.10
C TYR A 190 -2.42 9.47 -18.29
N VAL A 191 -1.86 9.62 -19.47
CA VAL A 191 -2.50 9.12 -20.68
C VAL A 191 -1.71 8.09 -21.48
N GLU A 192 -2.44 7.09 -21.95
CA GLU A 192 -1.88 6.01 -22.77
C GLU A 192 -2.37 6.41 -24.16
N LEU A 193 -1.47 6.95 -24.98
CA LEU A 193 -1.84 7.38 -26.31
C LEU A 193 -2.11 6.27 -27.32
N GLU A 194 -2.95 6.58 -28.29
CA GLU A 194 -3.32 5.64 -29.34
C GLU A 194 -2.18 5.71 -30.36
N PRO A 195 -1.89 4.57 -31.02
CA PRO A 195 -0.82 4.55 -32.02
C PRO A 195 -0.96 5.66 -33.06
N GLY A 196 -0.05 6.65 -33.02
CA GLY A 196 -0.11 7.73 -33.99
C GLY A 196 -0.57 9.09 -33.49
N ALA A 197 -1.44 9.11 -32.48
CA ALA A 197 -1.95 10.37 -31.94
C ALA A 197 -0.80 11.28 -31.51
N ASP A 198 -1.07 12.59 -31.49
CA ASP A 198 -0.05 13.56 -31.09
C ASP A 198 -0.24 14.02 -29.65
N PHE A 199 0.78 13.80 -28.84
CA PHE A 199 0.72 14.17 -27.43
C PHE A 199 0.36 15.63 -27.18
N ALA A 200 1.01 16.53 -27.90
CA ALA A 200 0.78 17.97 -27.73
C ALA A 200 -0.68 18.38 -27.93
N GLU A 201 -1.35 17.82 -28.93
CA GLU A 201 -2.74 18.17 -29.18
C GLU A 201 -3.68 17.52 -28.18
N VAL A 202 -3.33 16.31 -27.74
CA VAL A 202 -4.16 15.63 -26.75
C VAL A 202 -4.01 16.37 -25.43
N GLU A 203 -2.79 16.85 -25.16
CA GLU A 203 -2.50 17.58 -23.94
C GLU A 203 -3.29 18.88 -23.91
N ARG A 204 -3.37 19.54 -25.07
CA ARG A 204 -4.08 20.80 -25.19
C ARG A 204 -5.57 20.59 -24.96
N ALA A 205 -6.11 19.53 -25.55
CA ALA A 205 -7.52 19.19 -25.41
C ALA A 205 -7.87 18.93 -23.94
N ILE A 206 -7.00 18.20 -23.25
CA ILE A 206 -7.22 17.88 -21.85
C ILE A 206 -7.24 19.16 -21.01
N LYS A 207 -6.18 19.95 -21.13
CA LYS A 207 -6.06 21.19 -20.36
C LYS A 207 -7.15 22.23 -20.58
N THR A 208 -7.75 22.26 -21.77
CA THR A 208 -8.81 23.22 -22.05
C THR A 208 -10.23 22.68 -21.88
N ASP A 209 -10.35 21.38 -21.59
CA ASP A 209 -11.67 20.80 -21.38
C ASP A 209 -12.26 21.50 -20.15
N PRO A 210 -13.57 21.82 -20.16
CA PRO A 210 -14.20 22.49 -19.02
C PRO A 210 -13.94 21.81 -17.67
N TYR A 211 -13.65 20.51 -17.71
CA TYR A 211 -13.37 19.74 -16.51
C TYR A 211 -12.01 20.11 -15.90
N PHE A 212 -11.10 20.58 -16.73
CA PHE A 212 -9.75 20.91 -16.29
C PHE A 212 -9.35 22.38 -16.33
N VAL A 213 -10.03 23.18 -17.15
CA VAL A 213 -9.67 24.58 -17.30
C VAL A 213 -9.55 25.40 -16.02
N ARG A 214 -10.24 24.99 -14.97
CA ARG A 214 -10.21 25.72 -13.71
C ARG A 214 -9.15 25.28 -12.70
N ASP A 215 -8.40 24.23 -13.04
CA ASP A 215 -7.39 23.72 -12.13
C ASP A 215 -6.02 23.56 -12.78
N GLU A 216 -4.96 23.73 -11.99
CA GLU A 216 -3.61 23.57 -12.49
C GLU A 216 -3.53 22.10 -12.92
N THR A 217 -3.42 21.87 -14.22
CA THR A 217 -3.37 20.51 -14.73
C THR A 217 -2.06 20.15 -15.41
N ARG A 218 -1.56 18.95 -15.09
CA ARG A 218 -0.33 18.45 -15.67
C ARG A 218 -0.66 17.13 -16.36
N VAL A 219 -0.17 16.96 -17.59
CA VAL A 219 -0.41 15.75 -18.36
C VAL A 219 0.90 15.03 -18.65
N THR A 220 0.90 13.72 -18.44
CA THR A 220 2.09 12.91 -18.66
C THR A 220 1.74 11.63 -19.43
N GLN A 221 2.51 11.35 -20.47
CA GLN A 221 2.27 10.15 -21.25
C GLN A 221 2.92 8.98 -20.55
N VAL A 222 2.21 7.86 -20.43
CA VAL A 222 2.75 6.67 -19.77
C VAL A 222 2.57 5.46 -20.66
N GLU A 223 3.30 4.40 -20.36
CA GLU A 223 3.22 3.18 -21.14
C GLU A 223 2.02 2.34 -20.70
N SER A 224 1.65 2.44 -19.43
CA SER A 224 0.52 1.67 -18.91
C SER A 224 -0.29 2.41 -17.85
N VAL A 225 -1.54 2.73 -18.20
CA VAL A 225 -2.40 3.41 -17.25
C VAL A 225 -2.85 2.44 -16.15
N SER A 226 -3.19 1.22 -16.53
CA SER A 226 -3.66 0.22 -15.57
C SER A 226 -2.64 -0.09 -14.47
N ALA A 227 -1.37 0.16 -14.74
CA ALA A 227 -0.34 -0.10 -13.75
C ALA A 227 -0.32 0.95 -12.64
N LEU A 228 -0.90 2.12 -12.91
CA LEU A 228 -0.91 3.20 -11.93
C LEU A 228 -2.28 3.46 -11.34
N MET A 229 -3.31 3.06 -12.07
CA MET A 229 -4.69 3.30 -11.66
C MET A 229 -5.22 2.53 -10.45
N ASP A 230 -5.76 3.28 -9.49
CA ASP A 230 -6.41 2.71 -8.30
C ASP A 230 -7.64 3.60 -8.20
N VAL A 231 -8.82 2.99 -8.10
CA VAL A 231 -10.05 3.77 -8.06
C VAL A 231 -10.37 4.39 -6.71
N GLY A 232 -9.44 4.24 -5.77
CA GLY A 232 -9.65 4.82 -4.46
C GLY A 232 -9.62 6.33 -4.54
N HIS A 233 -10.35 6.98 -3.64
CA HIS A 233 -10.38 8.43 -3.60
C HIS A 233 -10.68 8.82 -2.16
N GLY A 234 -10.79 10.11 -1.91
CA GLY A 234 -11.05 10.54 -0.56
C GLY A 234 -11.37 12.01 -0.47
N VAL A 235 -11.74 12.42 0.73
CA VAL A 235 -12.10 13.81 0.92
C VAL A 235 -11.96 14.21 2.37
N VAL A 236 -11.72 15.51 2.54
CA VAL A 236 -11.59 16.11 3.85
C VAL A 236 -12.34 17.41 3.74
N MET A 237 -13.51 17.47 4.36
CA MET A 237 -14.33 18.66 4.36
C MET A 237 -14.21 19.30 5.73
N GLU A 238 -13.85 20.58 5.78
CA GLU A 238 -13.68 21.27 7.04
C GLU A 238 -14.40 22.60 7.11
N ARG A 239 -14.79 22.99 8.32
CA ARG A 239 -15.45 24.27 8.52
C ARG A 239 -15.13 24.83 9.89
N LYS A 240 -14.71 26.09 9.90
CA LYS A 240 -14.41 26.81 11.14
C LYS A 240 -15.42 27.93 11.09
N GLY A 241 -16.51 27.82 11.85
CA GLY A 241 -17.52 28.86 11.79
C GLY A 241 -18.20 29.29 13.07
N VAL A 242 -19.30 30.04 12.91
CA VAL A 242 -20.03 30.57 14.04
C VAL A 242 -21.42 29.99 14.26
N SER A 243 -21.67 29.50 15.47
CA SER A 243 -22.99 28.98 15.84
C SER A 243 -23.65 30.12 16.62
N GLY A 244 -24.70 30.71 16.08
CA GLY A 244 -25.34 31.82 16.77
C GLY A 244 -24.37 32.98 16.74
N ALA A 245 -23.73 33.24 17.88
CA ALA A 245 -22.72 34.30 17.98
C ALA A 245 -21.45 33.73 18.61
N THR A 246 -21.36 32.40 18.65
CA THR A 246 -20.20 31.73 19.26
C THR A 246 -19.20 31.26 18.20
N HIS A 247 -18.08 31.95 18.11
CA HIS A 247 -17.04 31.67 17.11
C HIS A 247 -16.14 30.46 17.38
N ASN A 248 -15.43 30.03 16.33
CA ASN A 248 -14.48 28.92 16.37
C ASN A 248 -15.06 27.53 16.54
N GLN A 249 -16.23 27.29 15.95
CA GLN A 249 -16.86 25.98 15.98
C GLN A 249 -16.12 25.20 14.91
N LEU A 250 -15.53 24.06 15.28
CA LEU A 250 -14.73 23.25 14.37
C LEU A 250 -15.36 21.92 13.96
N PHE A 251 -15.49 21.72 12.64
CA PHE A 251 -16.08 20.50 12.08
C PHE A 251 -15.13 19.90 11.05
N ARG A 252 -15.10 18.57 10.98
CA ARG A 252 -14.24 17.87 10.01
C ARG A 252 -14.82 16.53 9.60
N PHE A 253 -14.91 16.32 8.29
CA PHE A 253 -15.44 15.09 7.75
C PHE A 253 -14.43 14.53 6.77
N GLU A 254 -14.14 13.24 6.91
CA GLU A 254 -13.19 12.59 6.03
C GLU A 254 -13.58 11.19 5.60
N MET A 255 -13.18 10.83 4.37
CA MET A 255 -13.43 9.51 3.80
C MET A 255 -12.23 9.06 2.98
N ARG A 256 -11.99 7.76 2.99
CA ARG A 256 -10.94 7.09 2.24
C ARG A 256 -11.74 5.89 1.76
N ILE A 257 -12.22 5.98 0.54
CA ILE A 257 -13.09 4.95 -0.02
C ILE A 257 -12.81 4.55 -1.45
N ASN A 258 -13.46 3.47 -1.87
CA ASN A 258 -13.37 3.00 -3.24
C ASN A 258 -14.40 3.92 -3.91
N ASN A 259 -13.91 4.83 -4.75
CA ASN A 259 -14.77 5.83 -5.40
C ASN A 259 -16.04 5.27 -6.05
N PRO A 260 -15.90 4.49 -7.15
CA PRO A 260 -17.08 3.94 -7.81
C PRO A 260 -17.96 3.03 -6.96
N ALA A 261 -17.36 2.34 -5.98
CA ALA A 261 -18.14 1.46 -5.11
C ALA A 261 -19.12 2.31 -4.30
N LEU A 262 -18.60 3.36 -3.64
CA LEU A 262 -19.46 4.23 -2.84
C LEU A 262 -20.50 4.93 -3.71
N THR A 263 -20.07 5.42 -4.88
CA THR A 263 -20.98 6.12 -5.79
C THR A 263 -22.19 5.26 -6.11
N ALA A 264 -21.94 4.02 -6.51
CA ALA A 264 -23.02 3.10 -6.84
C ALA A 264 -23.89 2.77 -5.64
N GLN A 265 -23.28 2.63 -4.47
CA GLN A 265 -24.09 2.31 -3.29
C GLN A 265 -25.04 3.46 -3.01
N VAL A 266 -24.54 4.71 -3.13
CA VAL A 266 -25.37 5.88 -2.90
C VAL A 266 -26.49 5.97 -3.95
N MET A 267 -26.15 5.67 -5.20
CA MET A 267 -27.14 5.73 -6.28
C MET A 267 -28.32 4.78 -6.00
N VAL A 268 -28.01 3.61 -5.44
CA VAL A 268 -29.06 2.65 -5.08
C VAL A 268 -29.96 3.25 -4.00
N ALA A 269 -29.36 3.87 -2.98
CA ALA A 269 -30.15 4.49 -1.92
C ALA A 269 -30.98 5.65 -2.50
N ALA A 270 -30.38 6.45 -3.37
CA ALA A 270 -31.09 7.56 -4.00
C ALA A 270 -32.28 7.06 -4.81
N LEU A 271 -32.14 5.89 -5.44
CA LEU A 271 -33.23 5.37 -6.24
C LEU A 271 -34.33 4.86 -5.32
N ARG A 272 -33.92 4.25 -4.20
CA ARG A 272 -34.85 3.76 -3.21
C ARG A 272 -35.70 4.97 -2.79
N ALA A 273 -35.02 6.09 -2.57
CA ALA A 273 -35.71 7.31 -2.17
C ALA A 273 -36.56 7.85 -3.33
N ALA A 274 -36.01 7.81 -4.53
CA ALA A 274 -36.74 8.31 -5.70
C ALA A 274 -38.15 7.68 -5.81
N ALA A 275 -38.22 6.38 -5.61
CA ALA A 275 -39.49 5.66 -5.70
C ALA A 275 -40.51 6.09 -4.65
N ARG A 276 -40.04 6.75 -3.58
CA ARG A 276 -40.92 7.21 -2.52
C ARG A 276 -41.40 8.65 -2.68
N GLN A 277 -40.83 9.36 -3.65
CA GLN A 277 -41.17 10.75 -3.87
C GLN A 277 -42.33 11.04 -4.81
N LYS A 278 -42.84 12.26 -4.74
CA LYS A 278 -43.91 12.67 -5.64
C LYS A 278 -43.18 12.86 -6.97
N PRO A 279 -43.88 12.71 -8.09
CA PRO A 279 -43.23 12.88 -9.38
C PRO A 279 -42.55 14.24 -9.47
N GLY A 280 -41.31 14.26 -9.96
CA GLY A 280 -40.56 15.50 -10.06
C GLY A 280 -39.07 15.22 -9.99
N CYS A 281 -38.24 16.26 -9.99
CA CYS A 281 -36.78 16.07 -9.93
C CYS A 281 -36.20 16.67 -8.63
N TYR A 282 -35.33 15.93 -7.97
CA TYR A 282 -34.73 16.37 -6.71
C TYR A 282 -33.22 16.18 -6.66
N THR A 283 -32.57 16.93 -5.77
CA THR A 283 -31.14 16.74 -5.52
C THR A 283 -31.19 16.06 -4.15
N MET A 284 -30.07 15.56 -3.66
CA MET A 284 -30.12 14.86 -2.38
C MET A 284 -30.48 15.65 -1.12
N ILE A 285 -30.32 16.98 -1.14
CA ILE A 285 -30.66 17.76 0.04
C ILE A 285 -32.15 18.09 0.10
N GLU A 286 -32.90 17.65 -0.92
CA GLU A 286 -34.33 17.91 -0.95
C GLU A 286 -35.14 16.69 -0.55
N ILE A 287 -34.43 15.69 -0.04
CA ILE A 287 -35.07 14.45 0.39
C ILE A 287 -34.73 14.09 1.84
N PRO A 288 -35.76 13.76 2.64
CA PRO A 288 -35.48 13.40 4.03
C PRO A 288 -34.56 12.21 4.04
N VAL A 289 -33.49 12.30 4.81
CA VAL A 289 -32.49 11.25 4.90
C VAL A 289 -33.08 9.86 5.18
N ILE A 290 -34.20 9.79 5.88
CA ILE A 290 -34.77 8.48 6.18
C ILE A 290 -35.32 7.77 4.93
N ASP A 291 -35.64 8.52 3.88
CA ASP A 291 -36.15 7.87 2.68
C ASP A 291 -35.08 7.06 1.96
N TYR A 292 -33.82 7.26 2.33
CA TYR A 292 -32.68 6.55 1.74
C TYR A 292 -32.42 5.18 2.41
N LEU A 293 -33.08 4.93 3.54
CA LEU A 293 -32.94 3.66 4.27
C LEU A 293 -34.07 2.70 3.89
N PRO A 294 -33.76 1.42 3.70
CA PRO A 294 -34.82 0.49 3.32
C PRO A 294 -35.80 0.13 4.45
N GLY A 295 -37.03 -0.16 4.07
CA GLY A 295 -38.04 -0.55 5.05
C GLY A 295 -38.69 0.57 5.84
N ASP A 296 -39.57 0.16 6.75
CA ASP A 296 -40.33 1.07 7.60
C ASP A 296 -39.41 2.03 8.35
N ARG A 297 -39.92 3.20 8.67
CA ARG A 297 -39.18 4.25 9.36
C ARG A 297 -38.89 4.05 10.85
N GLU A 298 -39.90 3.59 11.58
CA GLU A 298 -39.78 3.37 13.02
C GLU A 298 -38.46 2.77 13.49
N ALA A 299 -38.06 1.64 12.90
CA ALA A 299 -36.83 0.96 13.29
C ALA A 299 -35.58 1.83 13.11
N TRP A 300 -35.52 2.59 12.03
CA TRP A 300 -34.35 3.42 11.82
C TRP A 300 -34.27 4.58 12.82
N ILE A 301 -35.43 5.09 13.23
CA ILE A 301 -35.47 6.17 14.22
C ILE A 301 -34.87 5.69 15.54
N ARG A 302 -35.32 4.52 16.01
CA ARG A 302 -34.84 3.94 17.26
C ARG A 302 -33.36 3.60 17.18
N LYS A 303 -32.92 3.14 16.02
CA LYS A 303 -31.53 2.76 15.83
C LYS A 303 -30.54 3.89 15.59
N LEU A 304 -30.98 4.95 14.91
CA LEU A 304 -30.08 6.04 14.54
C LEU A 304 -30.19 7.38 15.27
N VAL A 305 -31.39 7.80 15.62
CA VAL A 305 -31.55 9.09 16.28
C VAL A 305 -31.02 9.10 17.71
N LYS B 9 33.24 -11.04 17.04
CA LYS B 9 33.76 -12.10 16.13
C LYS B 9 34.27 -11.52 14.79
N LEU B 10 33.39 -10.88 14.03
CA LEU B 10 33.82 -10.28 12.75
C LEU B 10 34.69 -9.05 13.01
N ARG B 11 35.92 -9.07 12.49
CA ARG B 11 36.85 -7.96 12.67
C ARG B 11 36.55 -6.81 11.70
N VAL B 12 36.22 -5.66 12.26
CA VAL B 12 35.82 -4.52 11.45
C VAL B 12 36.59 -3.20 11.56
N ALA B 13 36.55 -2.43 10.48
CA ALA B 13 37.21 -1.12 10.41
C ALA B 13 36.25 -0.06 9.90
N VAL B 14 36.24 1.09 10.56
CA VAL B 14 35.40 2.21 10.16
C VAL B 14 36.31 3.07 9.29
N VAL B 15 35.90 3.36 8.06
CA VAL B 15 36.73 4.19 7.18
C VAL B 15 36.08 5.55 6.98
N GLY B 16 36.76 6.59 7.43
CA GLY B 16 36.23 7.94 7.31
C GLY B 16 35.58 8.33 8.62
N TYR B 17 36.19 9.25 9.37
CA TYR B 17 35.65 9.64 10.67
C TYR B 17 34.90 10.96 10.67
N GLY B 18 33.80 11.01 9.92
CA GLY B 18 32.98 12.20 9.88
C GLY B 18 31.69 11.91 10.61
N ASN B 19 30.59 12.50 10.14
CA ASN B 19 29.30 12.29 10.79
C ASN B 19 28.92 10.82 10.92
N VAL B 20 28.71 10.14 9.79
CA VAL B 20 28.34 8.73 9.83
C VAL B 20 29.43 7.89 10.48
N GLY B 21 30.68 8.24 10.20
CA GLY B 21 31.80 7.51 10.77
C GLY B 21 31.77 7.50 12.29
N ARG B 22 31.43 8.62 12.91
CA ARG B 22 31.37 8.71 14.36
C ARG B 22 30.34 7.73 14.90
N TYR B 23 29.16 7.72 14.30
CA TYR B 23 28.11 6.82 14.74
C TYR B 23 28.48 5.39 14.36
N ALA B 24 29.17 5.21 13.23
CA ALA B 24 29.58 3.87 12.80
C ALA B 24 30.42 3.22 13.91
N LEU B 25 31.36 4.00 14.45
CA LEU B 25 32.20 3.51 15.53
C LEU B 25 31.33 3.02 16.69
N GLU B 26 30.37 3.85 17.11
CA GLU B 26 29.48 3.49 18.20
C GLU B 26 28.64 2.26 17.83
N ALA B 27 28.16 2.23 16.59
CA ALA B 27 27.36 1.09 16.14
C ALA B 27 28.13 -0.23 16.18
N VAL B 28 29.40 -0.20 15.80
CA VAL B 28 30.21 -1.41 15.81
C VAL B 28 30.50 -1.87 17.24
N GLN B 29 30.81 -0.92 18.11
CA GLN B 29 31.10 -1.24 19.49
C GLN B 29 29.92 -1.89 20.20
N ALA B 30 28.71 -1.48 19.85
CA ALA B 30 27.51 -2.04 20.47
C ALA B 30 27.05 -3.37 19.87
N ALA B 31 27.48 -3.66 18.63
CA ALA B 31 27.08 -4.90 17.97
C ALA B 31 27.71 -6.10 18.70
N PRO B 32 26.90 -7.12 19.01
CA PRO B 32 27.37 -8.33 19.71
C PRO B 32 28.25 -9.27 18.91
N ASP B 33 28.19 -9.18 17.58
CA ASP B 33 28.96 -10.07 16.74
C ASP B 33 30.13 -9.42 16.00
N MET B 34 30.61 -8.28 16.50
CA MET B 34 31.71 -7.62 15.81
C MET B 34 32.76 -7.04 16.73
N GLU B 35 33.95 -6.85 16.17
CA GLU B 35 35.09 -6.30 16.91
C GLU B 35 35.65 -5.15 16.06
N LEU B 36 35.77 -3.98 16.67
CA LEU B 36 36.30 -2.83 15.96
C LEU B 36 37.82 -2.86 16.03
N VAL B 37 38.47 -3.25 14.94
CA VAL B 37 39.91 -3.31 14.95
C VAL B 37 40.51 -1.90 14.94
N GLY B 38 39.90 -0.99 14.19
CA GLY B 38 40.43 0.37 14.14
C GLY B 38 39.65 1.33 13.26
N VAL B 39 40.21 2.52 13.11
CA VAL B 39 39.59 3.56 12.31
C VAL B 39 40.61 4.08 11.31
N VAL B 40 40.20 4.19 10.04
CA VAL B 40 41.09 4.67 9.00
C VAL B 40 40.75 6.12 8.67
N ARG B 41 41.74 6.99 8.80
CA ARG B 41 41.57 8.41 8.50
C ARG B 41 42.66 8.88 7.55
N ARG B 42 42.36 9.95 6.80
CA ARG B 42 43.33 10.51 5.87
C ARG B 42 44.52 11.06 6.65
N LYS B 43 44.26 11.48 7.89
CA LYS B 43 45.30 12.03 8.73
C LYS B 43 45.07 11.69 10.20
N VAL B 44 46.15 11.58 10.95
CA VAL B 44 46.06 11.28 12.37
C VAL B 44 46.92 12.30 13.10
N LEU B 45 46.29 13.26 13.76
CA LEU B 45 47.02 14.29 14.50
C LEU B 45 47.41 13.79 15.88
N ALA B 46 48.35 14.47 16.51
CA ALA B 46 48.84 14.10 17.83
C ALA B 46 47.72 14.25 18.86
N ALA B 47 46.82 15.19 18.62
CA ALA B 47 45.69 15.41 19.52
C ALA B 47 44.62 14.36 19.25
N THR B 48 44.51 13.40 20.16
CA THR B 48 43.55 12.31 20.06
C THR B 48 42.14 12.70 20.50
N PRO B 49 41.17 12.70 19.57
CA PRO B 49 39.81 13.06 19.99
C PRO B 49 39.42 12.11 21.12
N PRO B 50 38.79 12.63 22.18
CA PRO B 50 38.38 11.81 23.32
C PRO B 50 37.72 10.46 23.05
N GLU B 51 36.72 10.42 22.16
CA GLU B 51 36.06 9.14 21.86
C GLU B 51 36.97 8.12 21.17
N LEU B 52 38.09 8.59 20.63
CA LEU B 52 39.05 7.72 19.96
C LEU B 52 40.16 7.26 20.92
N THR B 53 40.14 7.77 22.15
CA THR B 53 41.14 7.37 23.14
C THR B 53 40.99 5.86 23.34
N GLY B 54 42.03 5.11 23.02
CA GLY B 54 41.96 3.67 23.18
C GLY B 54 41.53 2.95 21.91
N VAL B 55 41.47 3.68 20.80
CA VAL B 55 41.09 3.10 19.52
C VAL B 55 42.24 3.27 18.54
N ARG B 56 42.61 2.21 17.85
CA ARG B 56 43.71 2.29 16.89
C ARG B 56 43.27 3.12 15.69
N VAL B 57 44.04 4.16 15.38
CA VAL B 57 43.72 5.03 14.25
C VAL B 57 44.91 5.13 13.33
N VAL B 58 44.70 4.77 12.06
CA VAL B 58 45.76 4.79 11.07
C VAL B 58 45.31 5.38 9.73
N THR B 59 46.26 5.61 8.83
CA THR B 59 45.97 6.19 7.53
C THR B 59 45.80 5.14 6.43
N ASP B 60 46.07 3.88 6.76
CA ASP B 60 45.91 2.79 5.80
C ASP B 60 45.36 1.55 6.49
N ILE B 61 44.38 0.92 5.85
CA ILE B 61 43.74 -0.26 6.41
C ILE B 61 44.68 -1.44 6.60
N SER B 62 45.84 -1.41 5.93
CA SER B 62 46.81 -2.49 6.05
C SER B 62 47.44 -2.53 7.45
N GLN B 63 47.41 -1.40 8.15
CA GLN B 63 47.99 -1.36 9.50
C GLN B 63 46.99 -1.77 10.56
N LEU B 64 45.89 -2.39 10.13
CA LEU B 64 44.87 -2.85 11.05
C LEU B 64 44.69 -4.37 10.97
N GLU B 65 44.97 -5.03 12.10
CA GLU B 65 44.82 -6.50 12.26
C GLU B 65 44.67 -7.28 10.96
N GLY B 66 43.63 -8.10 11.00
CA GLY B 66 43.24 -8.93 9.89
C GLY B 66 41.80 -8.49 9.67
N VAL B 67 41.66 -7.25 9.25
CA VAL B 67 40.35 -6.68 8.99
C VAL B 67 39.64 -7.55 7.97
N GLN B 68 38.40 -7.91 8.27
CA GLN B 68 37.59 -8.74 7.40
C GLN B 68 36.51 -7.91 6.69
N GLY B 69 36.10 -6.82 7.33
CA GLY B 69 35.08 -5.96 6.76
C GLY B 69 35.33 -4.49 7.03
N ALA B 70 34.86 -3.63 6.14
CA ALA B 70 35.06 -2.21 6.31
C ALA B 70 33.80 -1.40 6.00
N LEU B 71 33.50 -0.43 6.85
CA LEU B 71 32.36 0.44 6.62
C LEU B 71 32.93 1.70 5.96
N LEU B 72 32.55 1.94 4.72
CA LEU B 72 33.03 3.10 3.98
C LEU B 72 32.17 4.31 4.29
N CYS B 73 32.55 5.04 5.34
CA CYS B 73 31.80 6.21 5.76
C CYS B 73 32.39 7.50 5.17
N VAL B 74 32.76 7.43 3.89
CA VAL B 74 33.35 8.57 3.17
C VAL B 74 32.32 9.23 2.25
N PRO B 75 32.68 10.37 1.64
CA PRO B 75 31.72 11.02 0.75
C PRO B 75 31.18 10.05 -0.30
N THR B 76 29.91 10.22 -0.68
CA THR B 76 29.31 9.34 -1.66
C THR B 76 30.14 9.26 -2.93
N ARG B 77 30.55 10.40 -3.45
CA ARG B 77 31.35 10.45 -4.67
C ARG B 77 32.74 9.82 -4.57
N SER B 78 33.16 9.49 -3.36
CA SER B 78 34.46 8.86 -3.13
C SER B 78 34.29 7.35 -2.92
N VAL B 79 33.05 6.92 -2.71
CA VAL B 79 32.76 5.50 -2.47
C VAL B 79 33.26 4.49 -3.51
N PRO B 80 33.06 4.79 -4.80
CA PRO B 80 33.52 3.85 -5.85
C PRO B 80 34.98 3.43 -5.73
N GLU B 81 35.88 4.42 -5.63
CA GLU B 81 37.31 4.14 -5.54
C GLU B 81 37.69 3.46 -4.23
N TYR B 82 37.06 3.87 -3.14
CA TYR B 82 37.34 3.26 -1.84
C TYR B 82 36.89 1.79 -1.82
N ALA B 83 35.68 1.54 -2.32
CA ALA B 83 35.14 0.19 -2.37
C ALA B 83 36.03 -0.73 -3.19
N GLU B 84 36.52 -0.25 -4.32
CA GLU B 84 37.37 -1.08 -5.15
C GLU B 84 38.70 -1.39 -4.47
N ALA B 85 39.20 -0.44 -3.68
CA ALA B 85 40.46 -0.64 -2.99
C ALA B 85 40.32 -1.68 -1.88
N MET B 86 39.27 -1.58 -1.10
CA MET B 86 39.05 -2.53 -0.02
C MET B 86 38.77 -3.92 -0.58
N LEU B 87 38.00 -3.98 -1.67
CA LEU B 87 37.67 -5.24 -2.29
C LEU B 87 38.90 -5.93 -2.88
N ARG B 88 39.77 -5.16 -3.52
CA ARG B 88 40.98 -5.73 -4.11
C ARG B 88 41.91 -6.32 -3.03
N ARG B 89 41.57 -6.06 -1.77
CA ARG B 89 42.35 -6.57 -0.64
C ARG B 89 41.60 -7.72 0.00
N GLY B 90 40.45 -8.08 -0.57
CA GLY B 90 39.66 -9.17 -0.04
C GLY B 90 38.82 -8.79 1.15
N ILE B 91 38.59 -7.49 1.31
CA ILE B 91 37.80 -6.98 2.43
C ILE B 91 36.35 -6.69 2.04
N HIS B 92 35.40 -7.31 2.75
CA HIS B 92 34.00 -7.06 2.47
C HIS B 92 33.78 -5.57 2.70
N THR B 93 32.90 -4.98 1.91
CA THR B 93 32.63 -3.56 2.08
C THR B 93 31.16 -3.24 2.08
N VAL B 94 30.80 -2.22 2.85
CA VAL B 94 29.45 -1.71 2.91
C VAL B 94 29.58 -0.20 2.84
N ASP B 95 28.66 0.44 2.13
CA ASP B 95 28.67 1.88 1.99
C ASP B 95 27.22 2.34 1.89
N SER B 96 27.00 3.64 1.94
CA SER B 96 25.65 4.18 1.82
C SER B 96 25.48 5.07 0.61
N TYR B 97 26.23 4.76 -0.46
CA TYR B 97 26.20 5.50 -1.72
C TYR B 97 24.74 5.86 -2.03
N ASP B 98 24.41 7.16 -2.02
CA ASP B 98 23.03 7.59 -2.23
C ASP B 98 22.57 8.15 -3.56
N ILE B 99 23.34 7.99 -4.63
CA ILE B 99 22.90 8.49 -5.93
C ILE B 99 21.99 7.42 -6.55
N HIS B 100 20.68 7.63 -6.48
CA HIS B 100 19.73 6.65 -7.00
C HIS B 100 19.88 6.31 -8.48
N GLY B 101 20.16 7.30 -9.31
CA GLY B 101 20.30 7.01 -10.73
C GLY B 101 21.52 6.17 -11.11
N ASP B 102 22.56 6.21 -10.28
CA ASP B 102 23.81 5.51 -10.55
C ASP B 102 24.07 4.19 -9.83
N LEU B 103 23.53 4.03 -8.63
CA LEU B 103 23.81 2.83 -7.85
C LEU B 103 23.70 1.49 -8.59
N ALA B 104 22.72 1.34 -9.48
CA ALA B 104 22.57 0.09 -10.21
C ALA B 104 23.83 -0.19 -11.01
N ASP B 105 24.38 0.87 -11.62
CA ASP B 105 25.60 0.74 -12.40
C ASP B 105 26.79 0.42 -11.49
N LEU B 106 26.83 1.06 -10.32
CA LEU B 106 27.89 0.82 -9.37
C LEU B 106 27.89 -0.65 -8.95
N ARG B 107 26.70 -1.23 -8.81
CA ARG B 107 26.58 -2.65 -8.43
C ARG B 107 27.20 -3.53 -9.52
N ARG B 108 26.94 -3.20 -10.78
CA ARG B 108 27.47 -3.97 -11.89
C ARG B 108 28.98 -3.80 -12.00
N ARG B 109 29.48 -2.66 -11.59
CA ARG B 109 30.92 -2.40 -11.64
C ARG B 109 31.65 -3.10 -10.50
N LEU B 110 31.08 -3.10 -9.31
CA LEU B 110 31.73 -3.75 -8.16
C LEU B 110 31.54 -5.27 -8.12
N ASP B 111 30.50 -5.77 -8.76
CA ASP B 111 30.24 -7.20 -8.73
C ASP B 111 31.44 -8.08 -9.08
N PRO B 112 32.04 -7.86 -10.28
CA PRO B 112 33.20 -8.66 -10.67
C PRO B 112 34.44 -8.46 -9.80
N VAL B 113 34.71 -7.21 -9.44
CA VAL B 113 35.88 -6.92 -8.60
C VAL B 113 35.72 -7.63 -7.27
N ALA B 114 34.50 -7.62 -6.74
CA ALA B 114 34.20 -8.27 -5.48
C ALA B 114 34.39 -9.78 -5.61
N ARG B 115 33.78 -10.36 -6.63
CA ARG B 115 33.85 -11.80 -6.86
C ARG B 115 35.28 -12.30 -7.08
N GLU B 116 36.04 -11.64 -7.95
CA GLU B 116 37.40 -12.07 -8.22
C GLU B 116 38.34 -11.99 -7.03
N HIS B 117 37.93 -11.32 -5.95
CA HIS B 117 38.80 -11.23 -4.78
C HIS B 117 38.17 -11.92 -3.57
N GLY B 118 37.21 -12.80 -3.85
CA GLY B 118 36.55 -13.54 -2.81
C GLY B 118 35.85 -12.72 -1.76
N ALA B 119 35.38 -11.53 -2.13
CA ALA B 119 34.68 -10.67 -1.18
C ALA B 119 33.26 -10.34 -1.60
N ALA B 120 32.51 -9.76 -0.65
CA ALA B 120 31.13 -9.36 -0.89
C ALA B 120 31.02 -7.89 -0.56
N ALA B 121 30.28 -7.16 -1.40
CA ALA B 121 30.07 -5.74 -1.18
C ALA B 121 28.58 -5.43 -1.22
N VAL B 122 28.11 -4.73 -0.19
CA VAL B 122 26.71 -4.33 -0.12
C VAL B 122 26.73 -2.82 -0.28
N ILE B 123 26.25 -2.33 -1.42
CA ILE B 123 26.23 -0.88 -1.66
C ILE B 123 24.91 -0.23 -1.28
N SER B 124 24.93 1.09 -1.16
CA SER B 124 23.74 1.89 -0.86
C SER B 124 22.95 1.32 0.30
N ALA B 125 23.64 1.08 1.41
CA ALA B 125 23.03 0.50 2.60
C ALA B 125 22.80 1.46 3.77
N GLY B 126 22.10 2.56 3.51
CA GLY B 126 21.76 3.51 4.55
C GLY B 126 20.26 3.33 4.74
N TRP B 127 19.51 4.38 5.08
CA TRP B 127 18.07 4.19 5.20
C TRP B 127 17.37 4.53 3.88
N ASP B 128 18.05 5.29 3.02
CA ASP B 128 17.49 5.61 1.71
C ASP B 128 18.52 6.25 0.79
N PRO B 129 19.08 5.49 -0.16
CA PRO B 129 18.77 4.07 -0.39
C PRO B 129 19.12 3.16 0.80
N GLY B 130 18.48 2.00 0.85
CA GLY B 130 18.74 1.07 1.93
C GLY B 130 17.45 0.45 2.41
N THR B 131 17.17 0.60 3.70
CA THR B 131 15.95 0.04 4.27
C THR B 131 14.68 0.59 3.61
N ASP B 132 14.67 1.87 3.22
CA ASP B 132 13.48 2.43 2.58
C ASP B 132 13.23 1.70 1.28
N SER B 133 14.30 1.19 0.67
CA SER B 133 14.21 0.44 -0.58
C SER B 133 13.49 -0.88 -0.33
N ILE B 134 13.89 -1.56 0.74
CA ILE B 134 13.23 -2.82 1.05
C ILE B 134 11.74 -2.52 1.25
N ILE B 135 11.45 -1.45 1.97
CA ILE B 135 10.07 -1.03 2.23
C ILE B 135 9.31 -0.80 0.91
N ARG B 136 9.92 -0.05 -0.01
CA ARG B 136 9.27 0.23 -1.28
C ARG B 136 8.99 -1.08 -2.03
N ALA B 137 9.92 -2.02 -1.94
CA ALA B 137 9.76 -3.31 -2.59
C ALA B 137 8.57 -4.07 -2.02
N LEU B 138 8.39 -4.01 -0.70
CA LEU B 138 7.26 -4.68 -0.08
C LEU B 138 5.95 -4.07 -0.57
N LEU B 139 5.85 -2.75 -0.47
CA LEU B 139 4.66 -2.06 -0.91
C LEU B 139 4.37 -2.39 -2.36
N GLU B 140 5.41 -2.52 -3.16
CA GLU B 140 5.25 -2.85 -4.59
C GLU B 140 4.60 -4.20 -4.80
N PHE B 141 5.04 -5.23 -4.09
CA PHE B 141 4.43 -6.53 -4.30
C PHE B 141 3.18 -6.77 -3.49
N MET B 142 2.96 -5.96 -2.45
CA MET B 142 1.74 -6.11 -1.65
C MET B 142 0.53 -5.54 -2.41
N ALA B 143 0.80 -4.54 -3.26
CA ALA B 143 -0.22 -3.87 -4.09
C ALA B 143 0.49 -3.41 -5.37
N PRO B 144 0.67 -4.33 -6.34
CA PRO B 144 1.32 -4.13 -7.64
C PRO B 144 0.89 -2.95 -8.49
N LYS B 145 -0.35 -2.49 -8.35
CA LYS B 145 -0.82 -1.35 -9.15
C LYS B 145 -1.07 -0.12 -8.29
N GLY B 146 -0.66 1.03 -8.80
CA GLY B 146 -0.85 2.25 -8.05
C GLY B 146 0.46 3.01 -8.01
N ILE B 147 0.59 3.92 -7.05
CA ILE B 147 1.78 4.76 -6.94
C ILE B 147 2.32 4.89 -5.52
N THR B 148 3.64 4.85 -5.40
CA THR B 148 4.31 5.01 -4.12
C THR B 148 4.99 6.36 -4.05
N TYR B 149 4.79 7.08 -2.95
CA TYR B 149 5.40 8.38 -2.75
C TYR B 149 6.32 8.34 -1.53
N THR B 150 7.51 8.91 -1.67
CA THR B 150 8.47 8.97 -0.58
C THR B 150 8.72 10.45 -0.25
N ASN B 151 8.20 10.91 0.88
CA ASN B 151 8.37 12.30 1.27
C ASN B 151 9.38 12.43 2.43
N PHE B 152 10.49 13.11 2.16
CA PHE B 152 11.56 13.31 3.12
C PHE B 152 11.47 14.63 3.88
N GLY B 153 11.87 14.61 5.15
CA GLY B 153 11.87 15.83 5.93
C GLY B 153 10.70 16.16 6.84
N PRO B 154 10.76 17.33 7.50
CA PRO B 154 11.88 18.27 7.40
C PRO B 154 13.13 17.67 8.03
N GLY B 155 14.30 17.96 7.46
CA GLY B 155 15.52 17.42 8.03
C GLY B 155 16.77 17.69 7.22
N MET B 156 17.90 17.27 7.76
CA MET B 156 19.18 17.47 7.12
C MET B 156 19.57 16.29 6.24
N SER B 157 20.05 16.60 5.04
CA SER B 157 20.52 15.58 4.11
C SER B 157 22.03 15.54 4.24
N MET B 158 22.56 14.45 4.80
CA MET B 158 24.00 14.34 4.96
C MET B 158 24.67 14.42 3.59
N GLY B 159 24.08 13.75 2.60
CA GLY B 159 24.62 13.74 1.25
C GLY B 159 24.74 15.11 0.62
N HIS B 160 23.64 15.85 0.56
CA HIS B 160 23.65 17.17 -0.03
C HIS B 160 24.59 18.11 0.74
N SER B 161 24.65 17.94 2.05
CA SER B 161 25.52 18.77 2.88
C SER B 161 26.97 18.56 2.49
N VAL B 162 27.37 17.29 2.35
CA VAL B 162 28.74 16.97 1.96
C VAL B 162 29.07 17.66 0.65
N ALA B 163 28.14 17.58 -0.30
CA ALA B 163 28.33 18.19 -1.61
C ALA B 163 28.61 19.68 -1.51
N VAL B 164 27.76 20.40 -0.76
CA VAL B 164 27.94 21.84 -0.60
C VAL B 164 29.26 22.14 0.12
N LYS B 165 29.56 21.35 1.15
CA LYS B 165 30.78 21.50 1.94
C LYS B 165 32.01 21.49 1.04
N ALA B 166 32.02 20.59 0.07
CA ALA B 166 33.13 20.43 -0.86
C ALA B 166 33.36 21.63 -1.78
N ILE B 167 32.32 22.43 -2.00
CA ILE B 167 32.44 23.60 -2.88
C ILE B 167 33.48 24.58 -2.34
N PRO B 168 34.36 25.09 -3.23
CA PRO B 168 35.42 26.04 -2.86
C PRO B 168 34.84 27.35 -2.34
N GLY B 169 35.18 27.70 -1.12
CA GLY B 169 34.68 28.94 -0.54
C GLY B 169 33.65 28.70 0.56
N VAL B 170 33.24 27.45 0.70
CA VAL B 170 32.27 27.09 1.72
C VAL B 170 32.99 26.57 2.97
N ARG B 171 32.89 27.31 4.06
CA ARG B 171 33.53 26.89 5.31
C ARG B 171 32.73 25.76 5.94
N ASP B 172 31.41 25.85 5.85
CA ASP B 172 30.51 24.84 6.40
C ASP B 172 29.14 25.04 5.76
N ALA B 173 28.33 24.00 5.74
CA ALA B 173 27.01 24.11 5.13
C ALA B 173 25.97 23.14 5.67
N LEU B 174 24.71 23.55 5.59
CA LEU B 174 23.58 22.75 6.04
C LEU B 174 22.56 22.65 4.92
N SER B 175 22.34 21.45 4.42
CA SER B 175 21.36 21.25 3.37
C SER B 175 20.09 20.61 3.92
N MET B 176 19.02 21.40 4.02
CA MET B 176 17.76 20.90 4.54
C MET B 176 16.79 20.51 3.44
N THR B 177 16.06 19.41 3.65
CA THR B 177 15.09 18.94 2.68
C THR B 177 13.69 19.11 3.25
N ILE B 178 12.86 19.86 2.53
CA ILE B 178 11.49 20.14 2.95
C ILE B 178 10.49 19.39 2.08
N PRO B 179 9.56 18.66 2.72
CA PRO B 179 8.53 17.89 2.00
C PRO B 179 7.39 18.73 1.45
N ALA B 180 7.25 18.76 0.13
CA ALA B 180 6.19 19.52 -0.52
C ALA B 180 5.00 18.61 -0.81
N GLY B 181 5.12 17.34 -0.45
CA GLY B 181 4.05 16.38 -0.69
C GLY B 181 4.16 15.72 -2.04
N MET B 182 3.46 14.60 -2.21
CA MET B 182 3.45 13.83 -3.44
C MET B 182 4.83 13.57 -4.05
N GLY B 183 5.83 13.34 -3.20
CA GLY B 183 7.17 13.07 -3.69
C GLY B 183 8.02 14.26 -4.10
N VAL B 184 7.45 15.46 -4.02
CA VAL B 184 8.17 16.68 -4.40
C VAL B 184 8.88 17.26 -3.17
N HIS B 185 10.09 17.79 -3.38
CA HIS B 185 10.86 18.35 -2.27
C HIS B 185 11.48 19.71 -2.57
N LYS B 186 11.55 20.54 -1.54
CA LYS B 186 12.16 21.86 -1.64
C LYS B 186 13.46 21.73 -0.84
N ARG B 187 14.52 22.37 -1.30
CA ARG B 187 15.79 22.31 -0.60
C ARG B 187 16.23 23.70 -0.15
N ALA B 188 16.59 23.81 1.12
CA ALA B 188 17.05 25.07 1.70
C ALA B 188 18.48 24.88 2.18
N VAL B 189 19.41 25.56 1.51
CA VAL B 189 20.82 25.47 1.85
C VAL B 189 21.30 26.69 2.62
N TYR B 190 21.88 26.45 3.79
CA TYR B 190 22.42 27.51 4.64
C TYR B 190 23.94 27.36 4.57
N VAL B 191 24.60 28.32 3.95
CA VAL B 191 26.04 28.24 3.80
C VAL B 191 26.85 29.26 4.59
N GLU B 192 27.91 28.79 5.24
CA GLU B 192 28.81 29.65 6.00
C GLU B 192 30.05 29.79 5.12
N LEU B 193 30.22 30.97 4.54
CA LEU B 193 31.34 31.25 3.64
C LEU B 193 32.69 31.49 4.29
N GLU B 194 33.74 31.26 3.49
CA GLU B 194 35.11 31.49 3.93
C GLU B 194 35.37 32.97 3.72
N PRO B 195 36.21 33.59 4.56
CA PRO B 195 36.51 35.02 4.43
C PRO B 195 36.92 35.40 3.01
N GLY B 196 36.23 36.39 2.43
CA GLY B 196 36.54 36.83 1.09
C GLY B 196 36.14 35.83 0.01
N ALA B 197 34.89 35.38 0.05
CA ALA B 197 34.39 34.42 -0.93
C ALA B 197 33.19 35.03 -1.66
N ASP B 198 33.02 34.66 -2.93
CA ASP B 198 31.93 35.20 -3.74
C ASP B 198 30.65 34.40 -3.54
N PHE B 199 29.70 34.96 -2.80
CA PHE B 199 28.44 34.27 -2.54
C PHE B 199 27.74 33.84 -3.83
N ALA B 200 27.42 34.82 -4.68
CA ALA B 200 26.75 34.54 -5.95
C ALA B 200 27.39 33.36 -6.65
N GLU B 201 28.71 33.25 -6.51
CA GLU B 201 29.45 32.17 -7.12
C GLU B 201 29.12 30.84 -6.45
N VAL B 202 29.28 30.79 -5.12
CA VAL B 202 28.97 29.58 -4.38
C VAL B 202 27.51 29.21 -4.63
N GLU B 203 26.64 30.21 -4.60
CA GLU B 203 25.22 29.99 -4.83
C GLU B 203 24.99 29.32 -6.19
N ARG B 204 25.60 29.89 -7.23
CA ARG B 204 25.47 29.35 -8.57
C ARG B 204 25.92 27.88 -8.64
N ALA B 205 27.08 27.60 -8.06
CA ALA B 205 27.63 26.24 -8.05
C ALA B 205 26.69 25.24 -7.37
N ILE B 206 26.11 25.66 -6.25
CA ILE B 206 25.19 24.79 -5.51
C ILE B 206 24.01 24.38 -6.38
N LYS B 207 23.26 25.38 -6.84
CA LYS B 207 22.09 25.14 -7.66
C LYS B 207 22.28 24.24 -8.88
N THR B 208 23.49 24.21 -9.44
CA THR B 208 23.75 23.39 -10.60
C THR B 208 24.41 22.03 -10.30
N ASP B 209 24.59 21.72 -9.02
CA ASP B 209 25.19 20.44 -8.67
C ASP B 209 24.13 19.38 -8.98
N PRO B 210 24.54 18.24 -9.56
CA PRO B 210 23.59 17.17 -9.89
C PRO B 210 22.67 16.82 -8.72
N TYR B 211 23.14 17.09 -7.50
CA TYR B 211 22.37 16.82 -6.29
C TYR B 211 21.22 17.81 -6.14
N PHE B 212 21.40 19.00 -6.70
CA PHE B 212 20.40 20.07 -6.60
C PHE B 212 19.66 20.46 -7.87
N VAL B 213 20.26 20.18 -9.03
CA VAL B 213 19.69 20.54 -10.32
C VAL B 213 18.23 20.19 -10.61
N ARG B 214 17.69 19.18 -9.94
CA ARG B 214 16.31 18.79 -10.21
C ARG B 214 15.23 19.32 -9.27
N ASP B 215 15.63 19.85 -8.11
CA ASP B 215 14.67 20.37 -7.13
C ASP B 215 14.78 21.88 -6.91
N GLU B 216 13.68 22.47 -6.45
CA GLU B 216 13.62 23.89 -6.15
C GLU B 216 14.59 24.16 -4.99
N THR B 217 15.67 24.87 -5.27
CA THR B 217 16.67 25.14 -4.25
C THR B 217 16.90 26.62 -3.93
N ARG B 218 17.00 26.90 -2.62
CA ARG B 218 17.25 28.24 -2.11
C ARG B 218 18.52 28.24 -1.27
N VAL B 219 19.39 29.22 -1.49
CA VAL B 219 20.63 29.31 -0.74
C VAL B 219 20.67 30.60 0.09
N THR B 220 21.06 30.46 1.36
CA THR B 220 21.14 31.59 2.27
C THR B 220 22.44 31.55 3.06
N GLN B 221 23.15 32.68 3.10
CA GLN B 221 24.39 32.78 3.84
C GLN B 221 24.07 33.09 5.29
N VAL B 222 24.82 32.48 6.20
CA VAL B 222 24.61 32.69 7.63
C VAL B 222 25.94 32.80 8.35
N GLU B 223 25.92 33.39 9.54
CA GLU B 223 27.13 33.56 10.33
C GLU B 223 27.58 32.24 10.94
N SER B 224 26.61 31.40 11.32
CA SER B 224 26.94 30.12 11.95
C SER B 224 26.01 28.98 11.51
N VAL B 225 26.58 27.96 10.88
CA VAL B 225 25.81 26.83 10.44
C VAL B 225 25.54 25.90 11.62
N SER B 226 26.51 25.78 12.52
CA SER B 226 26.37 24.91 13.69
C SER B 226 25.23 25.36 14.61
N ALA B 227 24.88 26.63 14.55
CA ALA B 227 23.80 27.16 15.37
C ALA B 227 22.44 26.71 14.84
N LEU B 228 22.40 26.36 13.55
CA LEU B 228 21.16 25.93 12.93
C LEU B 228 21.07 24.44 12.63
N MET B 229 22.22 23.77 12.57
CA MET B 229 22.25 22.36 12.24
C MET B 229 21.79 21.33 13.27
N ASP B 230 20.94 20.43 12.82
CA ASP B 230 20.43 19.31 13.63
C ASP B 230 20.42 18.16 12.63
N VAL B 231 21.16 17.09 12.92
CA VAL B 231 21.24 15.95 12.00
C VAL B 231 20.02 15.02 12.01
N GLY B 232 18.91 15.52 12.53
CA GLY B 232 17.70 14.73 12.54
C GLY B 232 17.08 14.78 11.15
N HIS B 233 16.37 13.73 10.78
CA HIS B 233 15.72 13.68 9.49
C HIS B 233 14.54 12.75 9.66
N GLY B 234 13.79 12.54 8.58
CA GLY B 234 12.63 11.68 8.66
C GLY B 234 12.06 11.40 7.30
N VAL B 235 11.07 10.54 7.25
CA VAL B 235 10.46 10.19 5.99
C VAL B 235 9.05 9.67 6.18
N VAL B 236 8.24 9.88 5.15
CA VAL B 236 6.88 9.37 5.12
C VAL B 236 6.73 8.76 3.75
N MET B 237 6.52 7.46 3.72
CA MET B 237 6.33 6.73 2.46
C MET B 237 4.89 6.24 2.47
N GLU B 238 4.17 6.51 1.39
CA GLU B 238 2.78 6.10 1.29
C GLU B 238 2.47 5.43 -0.03
N ARG B 239 1.49 4.54 0.00
CA ARG B 239 1.04 3.90 -1.23
C ARG B 239 -0.44 3.60 -1.14
N LYS B 240 -1.16 3.97 -2.19
CA LYS B 240 -2.58 3.71 -2.30
C LYS B 240 -2.58 2.83 -3.54
N GLY B 241 -2.86 1.55 -3.39
CA GLY B 241 -2.83 0.68 -4.54
C GLY B 241 -3.74 -0.53 -4.58
N VAL B 242 -3.55 -1.35 -5.61
CA VAL B 242 -4.37 -2.51 -5.80
C VAL B 242 -3.73 -3.83 -5.42
N SER B 243 -4.38 -4.58 -4.53
CA SER B 243 -3.92 -5.92 -4.15
C SER B 243 -4.79 -6.84 -5.01
N GLY B 244 -4.20 -7.47 -6.02
CA GLY B 244 -4.98 -8.33 -6.90
C GLY B 244 -5.88 -7.45 -7.75
N ALA B 245 -7.18 -7.48 -7.48
CA ALA B 245 -8.14 -6.64 -8.20
C ALA B 245 -8.87 -5.79 -7.16
N THR B 246 -8.35 -5.77 -5.94
CA THR B 246 -8.96 -5.01 -4.84
C THR B 246 -8.28 -3.67 -4.64
N HIS B 247 -9.00 -2.60 -4.97
CA HIS B 247 -8.49 -1.24 -4.88
C HIS B 247 -8.54 -0.55 -3.52
N ASN B 248 -7.82 0.57 -3.43
CA ASN B 248 -7.72 1.42 -2.26
C ASN B 248 -7.03 0.85 -1.03
N GLN B 249 -6.02 0.02 -1.25
CA GLN B 249 -5.23 -0.57 -0.17
C GLN B 249 -4.31 0.58 0.27
N LEU B 250 -4.35 0.93 1.55
CA LEU B 250 -3.54 2.04 2.07
C LEU B 250 -2.37 1.62 2.95
N PHE B 251 -1.18 2.12 2.61
CA PHE B 251 0.03 1.81 3.38
C PHE B 251 0.77 3.11 3.71
N ARG B 252 1.35 3.17 4.91
CA ARG B 252 2.09 4.36 5.34
C ARG B 252 3.21 3.99 6.31
N PHE B 253 4.41 4.48 6.03
CA PHE B 253 5.58 4.22 6.87
C PHE B 253 6.26 5.55 7.16
N GLU B 254 6.56 5.79 8.44
CA GLU B 254 7.21 7.03 8.83
C GLU B 254 8.33 6.82 9.84
N MET B 255 9.35 7.67 9.74
CA MET B 255 10.48 7.63 10.64
C MET B 255 10.83 9.06 11.03
N ARG B 256 11.35 9.20 12.24
CA ARG B 256 11.81 10.48 12.77
C ARG B 256 13.02 10.00 13.54
N ILE B 257 14.18 10.16 12.92
CA ILE B 257 15.40 9.66 13.51
C ILE B 257 16.61 10.54 13.27
N ASN B 258 17.68 10.19 13.98
CA ASN B 258 18.97 10.86 13.85
C ASN B 258 19.50 10.24 12.55
N ASN B 259 19.61 11.05 11.51
CA ASN B 259 20.05 10.56 10.20
C ASN B 259 21.35 9.73 10.23
N PRO B 260 22.51 10.36 10.52
CA PRO B 260 23.75 9.58 10.54
C PRO B 260 23.79 8.39 11.49
N ALA B 261 23.05 8.44 12.59
CA ALA B 261 23.04 7.32 13.52
C ALA B 261 22.34 6.10 12.93
N LEU B 262 21.23 6.30 12.23
CA LEU B 262 20.51 5.18 11.65
C LEU B 262 21.33 4.59 10.51
N THR B 263 21.87 5.46 9.65
CA THR B 263 22.67 5.02 8.52
C THR B 263 23.83 4.13 8.98
N ALA B 264 24.56 4.58 9.99
CA ALA B 264 25.69 3.82 10.51
C ALA B 264 25.23 2.46 11.04
N GLN B 265 24.09 2.44 11.73
CA GLN B 265 23.56 1.21 12.27
C GLN B 265 23.18 0.26 11.12
N VAL B 266 22.48 0.77 10.11
CA VAL B 266 22.08 -0.04 8.97
C VAL B 266 23.32 -0.58 8.25
N MET B 267 24.33 0.27 8.09
CA MET B 267 25.56 -0.16 7.43
C MET B 267 26.21 -1.32 8.19
N VAL B 268 26.12 -1.29 9.52
CA VAL B 268 26.66 -2.36 10.36
C VAL B 268 25.91 -3.67 10.08
N ALA B 269 24.58 -3.60 10.04
CA ALA B 269 23.79 -4.81 9.77
C ALA B 269 24.09 -5.36 8.39
N ALA B 270 24.31 -4.45 7.44
CA ALA B 270 24.59 -4.83 6.07
C ALA B 270 25.93 -5.55 5.92
N LEU B 271 26.95 -5.06 6.64
CA LEU B 271 28.28 -5.67 6.58
C LEU B 271 28.19 -7.07 7.15
N ARG B 272 27.45 -7.19 8.26
CA ARG B 272 27.22 -8.48 8.89
C ARG B 272 26.64 -9.40 7.83
N ALA B 273 25.74 -8.85 7.03
CA ALA B 273 25.10 -9.62 5.97
C ALA B 273 26.11 -9.95 4.88
N ALA B 274 26.92 -8.96 4.53
CA ALA B 274 27.93 -9.11 3.49
C ALA B 274 28.82 -10.33 3.74
N ALA B 275 29.31 -10.47 4.97
CA ALA B 275 30.17 -11.59 5.33
C ALA B 275 29.47 -12.95 5.18
N ARG B 276 28.16 -12.91 4.95
CA ARG B 276 27.37 -14.12 4.79
C ARG B 276 27.01 -14.44 3.33
N GLN B 277 27.37 -13.54 2.42
CA GLN B 277 27.02 -13.74 0.99
C GLN B 277 28.10 -14.40 0.16
N LYS B 278 27.71 -14.88 -1.02
CA LYS B 278 28.68 -15.46 -1.93
C LYS B 278 29.41 -14.23 -2.45
N PRO B 279 30.69 -14.36 -2.80
CA PRO B 279 31.41 -13.19 -3.29
C PRO B 279 30.66 -12.46 -4.40
N GLY B 280 30.64 -11.13 -4.33
CA GLY B 280 29.93 -10.35 -5.34
C GLY B 280 29.40 -9.06 -4.75
N CYS B 281 28.58 -8.34 -5.52
CA CYS B 281 28.02 -7.06 -5.05
C CYS B 281 26.50 -7.10 -4.99
N TYR B 282 25.94 -6.59 -3.89
CA TYR B 282 24.49 -6.59 -3.70
C TYR B 282 23.91 -5.27 -3.17
N THR B 283 22.62 -5.07 -3.44
CA THR B 283 21.88 -3.93 -2.92
C THR B 283 21.08 -4.62 -1.81
N MET B 284 20.51 -3.85 -0.88
CA MET B 284 19.78 -4.47 0.22
C MET B 284 18.55 -5.32 -0.10
N ILE B 285 17.91 -5.10 -1.25
CA ILE B 285 16.74 -5.91 -1.59
C ILE B 285 17.15 -7.28 -2.14
N GLU B 286 18.45 -7.48 -2.31
CA GLU B 286 18.97 -8.75 -2.83
C GLU B 286 19.49 -9.68 -1.75
N ILE B 287 19.18 -9.38 -0.49
CA ILE B 287 19.60 -10.18 0.65
C ILE B 287 18.43 -10.52 1.55
N PRO B 288 18.34 -11.79 1.98
CA PRO B 288 17.22 -12.13 2.85
C PRO B 288 17.37 -11.31 4.13
N VAL B 289 16.29 -10.66 4.54
CA VAL B 289 16.34 -9.79 5.70
C VAL B 289 16.89 -10.44 6.97
N ILE B 290 16.83 -11.76 7.08
CA ILE B 290 17.36 -12.41 8.27
C ILE B 290 18.90 -12.41 8.35
N ASP B 291 19.58 -12.21 7.24
CA ASP B 291 21.05 -12.19 7.27
C ASP B 291 21.55 -10.87 7.84
N TYR B 292 20.62 -9.96 8.12
CA TYR B 292 20.95 -8.65 8.69
C TYR B 292 20.89 -8.74 10.20
N LEU B 293 20.40 -9.87 10.71
CA LEU B 293 20.28 -10.08 12.15
C LEU B 293 21.44 -10.94 12.64
N PRO B 294 22.04 -10.58 13.78
CA PRO B 294 23.17 -11.35 14.31
C PRO B 294 22.76 -12.70 14.92
N GLY B 295 23.65 -13.68 14.82
CA GLY B 295 23.38 -14.99 15.40
C GLY B 295 22.51 -15.90 14.56
N ASP B 296 22.22 -17.07 15.12
CA ASP B 296 21.40 -18.09 14.47
C ASP B 296 20.03 -17.60 14.07
N ARG B 297 19.53 -18.15 12.96
CA ARG B 297 18.22 -17.80 12.42
C ARG B 297 17.02 -18.27 13.23
N GLU B 298 17.09 -19.51 13.72
CA GLU B 298 15.98 -20.08 14.47
C GLU B 298 15.34 -19.16 15.49
N ALA B 299 16.14 -18.54 16.34
CA ALA B 299 15.60 -17.64 17.36
C ALA B 299 14.91 -16.42 16.75
N TRP B 300 15.49 -15.88 15.69
CA TRP B 300 14.89 -14.71 15.07
C TRP B 300 13.54 -15.06 14.46
N ILE B 301 13.42 -16.28 13.96
CA ILE B 301 12.16 -16.71 13.35
C ILE B 301 11.06 -16.80 14.41
N ARG B 302 11.38 -17.34 15.58
CA ARG B 302 10.39 -17.44 16.64
C ARG B 302 10.01 -16.06 17.17
N LYS B 303 10.98 -15.16 17.22
CA LYS B 303 10.73 -13.82 17.73
C LYS B 303 10.06 -12.84 16.79
N LEU B 304 10.30 -12.98 15.50
CA LEU B 304 9.75 -12.04 14.53
C LEU B 304 8.62 -12.44 13.60
N VAL B 305 8.65 -13.66 13.08
CA VAL B 305 7.60 -14.05 12.15
C VAL B 305 6.23 -14.20 12.80
N LYS C 9 3.43 -17.40 -16.85
CA LYS C 9 4.20 -18.65 -17.10
C LYS C 9 4.06 -19.69 -15.98
N LEU C 10 4.37 -19.31 -14.74
CA LEU C 10 4.26 -20.25 -13.62
C LEU C 10 2.79 -20.74 -13.53
N ARG C 11 2.59 -22.05 -13.61
CA ARG C 11 1.24 -22.63 -13.56
C ARG C 11 0.79 -22.83 -12.13
N VAL C 12 -0.26 -22.12 -11.74
CA VAL C 12 -0.76 -22.18 -10.37
C VAL C 12 -2.21 -22.61 -10.16
N ALA C 13 -2.46 -23.20 -8.99
CA ALA C 13 -3.78 -23.63 -8.60
C ALA C 13 -4.12 -22.98 -7.25
N VAL C 14 -5.37 -22.61 -7.07
CA VAL C 14 -5.80 -22.01 -5.81
C VAL C 14 -6.49 -23.16 -5.07
N VAL C 15 -6.04 -23.48 -3.87
CA VAL C 15 -6.66 -24.57 -3.10
C VAL C 15 -7.49 -23.96 -1.96
N GLY C 16 -8.79 -24.26 -1.93
CA GLY C 16 -9.66 -23.72 -0.91
C GLY C 16 -10.30 -22.44 -1.41
N TYR C 17 -11.58 -22.49 -1.76
CA TYR C 17 -12.25 -21.32 -2.29
C TYR C 17 -13.09 -20.55 -1.28
N GLY C 18 -12.43 -20.05 -0.25
CA GLY C 18 -13.11 -19.27 0.76
C GLY C 18 -12.78 -17.80 0.53
N ASN C 19 -12.71 -17.03 1.61
CA ASN C 19 -12.40 -15.60 1.55
C ASN C 19 -11.06 -15.34 0.86
N VAL C 20 -9.99 -15.85 1.46
CA VAL C 20 -8.69 -15.64 0.87
C VAL C 20 -8.59 -16.27 -0.51
N GLY C 21 -9.17 -17.46 -0.65
CA GLY C 21 -9.16 -18.16 -1.93
C GLY C 21 -9.79 -17.39 -3.07
N ARG C 22 -10.89 -16.69 -2.80
CA ARG C 22 -11.57 -15.94 -3.85
C ARG C 22 -10.71 -14.75 -4.30
N TYR C 23 -10.00 -14.12 -3.37
CA TYR C 23 -9.11 -13.02 -3.70
C TYR C 23 -7.84 -13.59 -4.37
N ALA C 24 -7.44 -14.79 -3.94
CA ALA C 24 -6.25 -15.44 -4.50
C ALA C 24 -6.45 -15.66 -5.99
N LEU C 25 -7.64 -16.08 -6.37
CA LEU C 25 -7.96 -16.29 -7.77
C LEU C 25 -7.73 -14.99 -8.55
N GLU C 26 -8.19 -13.87 -8.01
CA GLU C 26 -8.04 -12.57 -8.67
C GLU C 26 -6.59 -12.11 -8.67
N ALA C 27 -5.86 -12.43 -7.61
CA ALA C 27 -4.46 -12.03 -7.55
C ALA C 27 -3.69 -12.79 -8.62
N VAL C 28 -4.00 -14.07 -8.80
CA VAL C 28 -3.32 -14.88 -9.79
C VAL C 28 -3.65 -14.42 -11.22
N GLN C 29 -4.89 -14.01 -11.46
CA GLN C 29 -5.28 -13.56 -12.79
C GLN C 29 -4.62 -12.24 -13.14
N ALA C 30 -4.37 -11.38 -12.15
CA ALA C 30 -3.72 -10.10 -12.43
C ALA C 30 -2.21 -10.23 -12.56
N ALA C 31 -1.65 -11.28 -11.97
CA ALA C 31 -0.20 -11.53 -12.02
C ALA C 31 0.31 -11.69 -13.44
N PRO C 32 1.33 -10.90 -13.83
CA PRO C 32 1.90 -10.98 -15.17
C PRO C 32 2.71 -12.25 -15.46
N ASP C 33 3.23 -12.86 -14.41
CA ASP C 33 4.07 -14.05 -14.54
C ASP C 33 3.42 -15.37 -14.11
N MET C 34 2.10 -15.40 -13.96
CA MET C 34 1.45 -16.64 -13.54
C MET C 34 0.27 -17.03 -14.41
N GLU C 35 -0.16 -18.28 -14.27
CA GLU C 35 -1.29 -18.79 -15.03
C GLU C 35 -2.15 -19.63 -14.09
N LEU C 36 -3.44 -19.31 -14.02
CA LEU C 36 -4.35 -20.06 -13.16
C LEU C 36 -4.87 -21.30 -13.88
N VAL C 37 -4.35 -22.46 -13.51
CA VAL C 37 -4.77 -23.71 -14.14
C VAL C 37 -6.17 -24.10 -13.68
N GLY C 38 -6.46 -23.86 -12.41
CA GLY C 38 -7.77 -24.20 -11.89
C GLY C 38 -7.89 -23.96 -10.41
N VAL C 39 -9.01 -24.40 -9.85
CA VAL C 39 -9.30 -24.23 -8.44
C VAL C 39 -9.64 -25.60 -7.87
N VAL C 40 -9.08 -25.91 -6.71
CA VAL C 40 -9.31 -27.19 -6.04
C VAL C 40 -10.29 -26.97 -4.89
N ARG C 41 -11.46 -27.59 -4.96
CA ARG C 41 -12.45 -27.46 -3.90
C ARG C 41 -12.82 -28.83 -3.34
N ARG C 42 -13.30 -28.84 -2.09
CA ARG C 42 -13.68 -30.09 -1.47
C ARG C 42 -14.83 -30.72 -2.25
N LYS C 43 -15.70 -29.87 -2.78
CA LYS C 43 -16.83 -30.33 -3.58
C LYS C 43 -17.02 -29.37 -4.74
N VAL C 44 -17.69 -29.84 -5.79
CA VAL C 44 -17.97 -29.00 -6.95
C VAL C 44 -19.42 -29.23 -7.34
N LEU C 45 -20.28 -28.28 -6.97
CA LEU C 45 -21.71 -28.37 -7.28
C LEU C 45 -22.01 -28.06 -8.74
N ALA C 46 -23.20 -28.45 -9.18
CA ALA C 46 -23.65 -28.23 -10.55
C ALA C 46 -23.82 -26.74 -10.82
N ALA C 47 -24.19 -26.01 -9.77
CA ALA C 47 -24.36 -24.56 -9.89
C ALA C 47 -23.00 -23.90 -9.77
N THR C 48 -22.52 -23.33 -10.88
CA THR C 48 -21.21 -22.69 -10.93
C THR C 48 -21.26 -21.23 -10.45
N PRO C 49 -20.42 -20.89 -9.45
CA PRO C 49 -20.41 -19.50 -8.98
C PRO C 49 -20.06 -18.63 -10.17
N PRO C 50 -20.73 -17.47 -10.33
CA PRO C 50 -20.47 -16.55 -11.44
C PRO C 50 -19.00 -16.35 -11.82
N GLU C 51 -18.17 -15.99 -10.83
CA GLU C 51 -16.75 -15.74 -11.06
C GLU C 51 -15.91 -16.97 -11.44
N LEU C 52 -16.51 -18.16 -11.41
CA LEU C 52 -15.76 -19.37 -11.76
C LEU C 52 -16.15 -19.90 -13.15
N THR C 53 -17.05 -19.18 -13.83
CA THR C 53 -17.46 -19.55 -15.17
C THR C 53 -16.19 -19.48 -16.03
N GLY C 54 -15.84 -20.59 -16.67
CA GLY C 54 -14.63 -20.58 -17.48
C GLY C 54 -13.38 -20.94 -16.71
N VAL C 55 -13.57 -21.26 -15.43
CA VAL C 55 -12.44 -21.64 -14.59
C VAL C 55 -12.63 -23.10 -14.23
N ARG C 56 -11.55 -23.87 -14.36
CA ARG C 56 -11.61 -25.30 -14.09
C ARG C 56 -11.62 -25.55 -12.58
N VAL C 57 -12.69 -26.19 -12.11
CA VAL C 57 -12.82 -26.49 -10.68
C VAL C 57 -12.88 -27.99 -10.49
N VAL C 58 -12.01 -28.52 -9.64
CA VAL C 58 -11.92 -29.96 -9.38
C VAL C 58 -11.72 -30.28 -7.89
N THR C 59 -11.83 -31.55 -7.53
CA THR C 59 -11.66 -31.98 -6.14
C THR C 59 -10.26 -32.50 -5.80
N ASP C 60 -9.41 -32.63 -6.81
CA ASP C 60 -8.04 -33.09 -6.58
C ASP C 60 -7.08 -32.41 -7.54
N ILE C 61 -6.00 -31.86 -6.99
CA ILE C 61 -5.02 -31.14 -7.78
C ILE C 61 -4.46 -31.91 -8.98
N SER C 62 -4.39 -33.24 -8.87
CA SER C 62 -3.87 -34.07 -9.95
C SER C 62 -4.69 -33.92 -11.24
N GLN C 63 -5.96 -33.54 -11.11
CA GLN C 63 -6.78 -33.37 -12.30
C GLN C 63 -6.58 -31.97 -12.87
N LEU C 64 -5.52 -31.31 -12.42
CA LEU C 64 -5.20 -29.98 -12.92
C LEU C 64 -3.85 -29.95 -13.62
N GLU C 65 -3.92 -29.84 -14.95
CA GLU C 65 -2.76 -29.73 -15.84
C GLU C 65 -1.41 -30.09 -15.24
N GLY C 66 -0.45 -29.18 -15.43
CA GLY C 66 0.90 -29.37 -14.93
C GLY C 66 1.17 -28.31 -13.88
N VAL C 67 0.43 -28.38 -12.80
CA VAL C 67 0.56 -27.44 -11.70
C VAL C 67 1.94 -27.47 -11.05
N GLN C 68 2.61 -26.33 -11.08
CA GLN C 68 3.95 -26.17 -10.52
C GLN C 68 3.91 -25.52 -9.13
N GLY C 69 2.82 -24.83 -8.85
CA GLY C 69 2.69 -24.14 -7.56
C GLY C 69 1.26 -24.08 -7.08
N ALA C 70 1.08 -24.08 -5.77
CA ALA C 70 -0.24 -24.05 -5.20
C ALA C 70 -0.38 -23.09 -4.02
N LEU C 71 -1.46 -22.34 -4.04
CA LEU C 71 -1.78 -21.40 -2.99
C LEU C 71 -2.72 -22.16 -2.07
N LEU C 72 -2.27 -22.45 -0.86
CA LEU C 72 -3.08 -23.20 0.09
C LEU C 72 -3.95 -22.25 0.91
N CYS C 73 -5.13 -21.94 0.39
CA CYS C 73 -6.04 -21.02 1.03
C CYS C 73 -7.08 -21.71 1.91
N VAL C 74 -6.63 -22.69 2.67
CA VAL C 74 -7.49 -23.46 3.57
C VAL C 74 -7.27 -23.03 5.03
N PRO C 75 -8.11 -23.52 5.95
CA PRO C 75 -7.92 -23.11 7.35
C PRO C 75 -6.50 -23.38 7.82
N THR C 76 -5.98 -22.49 8.66
CA THR C 76 -4.63 -22.64 9.20
C THR C 76 -4.40 -24.03 9.80
N ARG C 77 -5.35 -24.52 10.57
CA ARG C 77 -5.21 -25.82 11.21
C ARG C 77 -5.15 -26.99 10.25
N SER C 78 -5.49 -26.72 8.98
CA SER C 78 -5.46 -27.74 7.93
C SER C 78 -4.25 -27.56 7.03
N VAL C 79 -3.50 -26.48 7.25
CA VAL C 79 -2.33 -26.19 6.42
C VAL C 79 -1.23 -27.24 6.40
N PRO C 80 -0.82 -27.73 7.58
CA PRO C 80 0.25 -28.74 7.60
C PRO C 80 -0.02 -29.92 6.68
N GLU C 81 -1.20 -30.52 6.81
CA GLU C 81 -1.56 -31.68 6.00
C GLU C 81 -1.64 -31.40 4.50
N TYR C 82 -2.23 -30.27 4.13
CA TYR C 82 -2.29 -29.94 2.71
C TYR C 82 -0.89 -29.69 2.19
N ALA C 83 -0.13 -28.87 2.90
CA ALA C 83 1.23 -28.55 2.50
C ALA C 83 2.03 -29.81 2.19
N GLU C 84 1.98 -30.79 3.09
CA GLU C 84 2.70 -32.02 2.88
C GLU C 84 2.21 -32.79 1.65
N ALA C 85 0.90 -32.81 1.45
CA ALA C 85 0.31 -33.51 0.30
C ALA C 85 0.81 -32.92 -1.01
N MET C 86 0.76 -31.60 -1.13
CA MET C 86 1.21 -30.96 -2.36
C MET C 86 2.71 -31.16 -2.57
N LEU C 87 3.49 -30.99 -1.49
CA LEU C 87 4.93 -31.14 -1.56
C LEU C 87 5.36 -32.52 -2.00
N ARG C 88 4.64 -33.54 -1.54
CA ARG C 88 4.96 -34.90 -1.93
C ARG C 88 4.68 -35.16 -3.41
N ARG C 89 4.06 -34.20 -4.08
CA ARG C 89 3.79 -34.34 -5.51
C ARG C 89 4.72 -33.42 -6.28
N GLY C 90 5.68 -32.84 -5.58
CA GLY C 90 6.63 -31.94 -6.21
C GLY C 90 6.05 -30.60 -6.61
N ILE C 91 5.06 -30.14 -5.84
CA ILE C 91 4.40 -28.86 -6.10
C ILE C 91 4.81 -27.83 -5.04
N HIS C 92 5.33 -26.69 -5.48
CA HIS C 92 5.72 -25.64 -4.55
C HIS C 92 4.46 -25.24 -3.80
N THR C 93 4.61 -24.80 -2.56
CA THR C 93 3.43 -24.40 -1.81
C THR C 93 3.60 -23.14 -1.00
N VAL C 94 2.50 -22.41 -0.90
CA VAL C 94 2.46 -21.19 -0.12
C VAL C 94 1.20 -21.26 0.72
N ASP C 95 1.29 -20.73 1.93
CA ASP C 95 0.16 -20.72 2.83
C ASP C 95 0.31 -19.48 3.70
N SER C 96 -0.72 -19.17 4.48
CA SER C 96 -0.64 -18.01 5.37
C SER C 96 -0.82 -18.47 6.84
N TYR C 97 -0.33 -19.67 7.13
CA TYR C 97 -0.40 -20.26 8.47
C TYR C 97 -0.07 -19.18 9.50
N ASP C 98 -1.06 -18.80 10.30
CA ASP C 98 -0.86 -17.73 11.28
C ASP C 98 -0.61 -18.01 12.76
N ILE C 99 -0.37 -19.26 13.14
CA ILE C 99 -0.09 -19.53 14.56
C ILE C 99 1.38 -19.21 14.87
N HIS C 100 1.62 -18.01 15.39
CA HIS C 100 2.97 -17.53 15.72
C HIS C 100 3.75 -18.48 16.62
N GLY C 101 3.06 -19.10 17.57
CA GLY C 101 3.75 -19.99 18.48
C GLY C 101 4.29 -21.28 17.91
N ASP C 102 3.75 -21.70 16.77
CA ASP C 102 4.13 -22.97 16.16
C ASP C 102 4.73 -22.94 14.76
N LEU C 103 4.58 -21.83 14.03
CA LEU C 103 5.09 -21.79 12.67
C LEU C 103 6.58 -22.13 12.52
N ALA C 104 7.36 -21.87 13.57
CA ALA C 104 8.78 -22.18 13.51
C ALA C 104 8.98 -23.70 13.49
N ASP C 105 8.08 -24.41 14.15
CA ASP C 105 8.14 -25.87 14.17
C ASP C 105 7.64 -26.41 12.83
N LEU C 106 6.61 -25.78 12.28
CA LEU C 106 6.06 -26.19 10.99
C LEU C 106 7.14 -26.11 9.93
N ARG C 107 7.96 -25.07 9.97
CA ARG C 107 9.03 -24.90 8.98
C ARG C 107 10.00 -26.07 9.04
N ARG C 108 10.43 -26.43 10.26
CA ARG C 108 11.36 -27.54 10.41
C ARG C 108 10.72 -28.82 9.92
N ARG C 109 9.41 -28.92 10.09
CA ARG C 109 8.67 -30.10 9.64
C ARG C 109 8.58 -30.19 8.12
N LEU C 110 8.20 -29.10 7.46
CA LEU C 110 8.09 -29.13 6.00
C LEU C 110 9.42 -29.13 5.25
N ASP C 111 10.46 -28.58 5.87
CA ASP C 111 11.77 -28.50 5.21
C ASP C 111 12.23 -29.78 4.51
N PRO C 112 12.37 -30.90 5.26
CA PRO C 112 12.80 -32.14 4.63
C PRO C 112 11.83 -32.66 3.57
N VAL C 113 10.53 -32.56 3.84
CA VAL C 113 9.54 -33.02 2.89
C VAL C 113 9.70 -32.23 1.59
N ALA C 114 9.82 -30.92 1.72
CA ALA C 114 10.00 -30.08 0.55
C ALA C 114 11.28 -30.44 -0.21
N ARG C 115 12.39 -30.55 0.51
CA ARG C 115 13.67 -30.88 -0.12
C ARG C 115 13.69 -32.25 -0.82
N GLU C 116 13.18 -33.27 -0.14
CA GLU C 116 13.17 -34.61 -0.71
C GLU C 116 12.33 -34.72 -1.98
N HIS C 117 11.35 -33.84 -2.15
CA HIS C 117 10.53 -33.88 -3.36
C HIS C 117 10.84 -32.73 -4.32
N GLY C 118 12.04 -32.19 -4.19
CA GLY C 118 12.50 -31.12 -5.06
C GLY C 118 11.64 -29.87 -5.20
N ALA C 119 10.91 -29.52 -4.14
CA ALA C 119 10.06 -28.34 -4.19
C ALA C 119 10.38 -27.37 -3.06
N ALA C 120 9.82 -26.17 -3.18
CA ALA C 120 10.02 -25.12 -2.19
C ALA C 120 8.69 -24.79 -1.53
N ALA C 121 8.74 -24.45 -0.25
CA ALA C 121 7.54 -24.10 0.49
C ALA C 121 7.79 -22.81 1.26
N VAL C 122 6.85 -21.88 1.18
CA VAL C 122 6.94 -20.63 1.92
C VAL C 122 5.73 -20.61 2.84
N ILE C 123 5.94 -20.78 4.13
CA ILE C 123 4.82 -20.76 5.08
C ILE C 123 4.60 -19.37 5.65
N SER C 124 3.47 -19.22 6.33
CA SER C 124 3.14 -17.97 7.01
C SER C 124 3.43 -16.74 6.17
N ALA C 125 2.99 -16.77 4.92
CA ALA C 125 3.20 -15.67 3.98
C ALA C 125 1.94 -14.82 3.74
N GLY C 126 1.47 -14.18 4.79
CA GLY C 126 0.32 -13.29 4.69
C GLY C 126 0.86 -11.92 5.08
N TRP C 127 0.08 -11.09 5.75
CA TRP C 127 0.63 -9.81 6.16
C TRP C 127 1.10 -9.89 7.60
N ASP C 128 0.58 -10.88 8.34
CA ASP C 128 1.01 -11.10 9.72
C ASP C 128 0.51 -12.42 10.29
N PRO C 129 1.37 -13.45 10.30
CA PRO C 129 2.76 -13.42 9.81
C PRO C 129 2.88 -13.17 8.31
N GLY C 130 4.03 -12.66 7.90
CA GLY C 130 4.24 -12.37 6.49
C GLY C 130 5.03 -11.10 6.32
N THR C 131 4.47 -10.14 5.60
CA THR C 131 5.13 -8.87 5.36
C THR C 131 5.42 -8.11 6.66
N ASP C 132 4.54 -8.20 7.65
CA ASP C 132 4.79 -7.51 8.92
C ASP C 132 6.02 -8.08 9.63
N SER C 133 6.31 -9.36 9.37
CA SER C 133 7.48 -10.04 9.96
C SER C 133 8.75 -9.44 9.37
N ILE C 134 8.71 -9.14 8.08
CA ILE C 134 9.86 -8.55 7.43
C ILE C 134 10.03 -7.14 8.02
N ILE C 135 8.92 -6.44 8.23
CA ILE C 135 8.96 -5.10 8.80
C ILE C 135 9.57 -5.14 10.21
N ARG C 136 9.14 -6.11 11.01
CA ARG C 136 9.65 -6.28 12.37
C ARG C 136 11.14 -6.55 12.36
N ALA C 137 11.61 -7.30 11.36
CA ALA C 137 13.03 -7.62 11.25
C ALA C 137 13.81 -6.34 10.90
N LEU C 138 13.29 -5.53 9.98
CA LEU C 138 13.94 -4.28 9.61
C LEU C 138 14.11 -3.41 10.84
N LEU C 139 13.01 -3.18 11.54
CA LEU C 139 13.04 -2.37 12.75
C LEU C 139 13.99 -2.97 13.78
N GLU C 140 14.08 -4.30 13.80
CA GLU C 140 14.94 -4.95 14.77
C GLU C 140 16.39 -4.60 14.50
N PHE C 141 16.84 -4.70 13.25
CA PHE C 141 18.23 -4.38 12.99
C PHE C 141 18.53 -2.88 12.80
N MET C 142 17.50 -2.06 12.57
CA MET C 142 17.72 -0.63 12.43
C MET C 142 17.96 0.02 13.80
N ALA C 143 17.36 -0.58 14.83
CA ALA C 143 17.49 -0.10 16.22
C ALA C 143 17.39 -1.36 17.10
N PRO C 144 18.52 -2.07 17.31
CA PRO C 144 18.66 -3.30 18.10
C PRO C 144 18.14 -3.29 19.53
N LYS C 145 18.30 -2.16 20.21
CA LYS C 145 17.84 -2.06 21.60
C LYS C 145 16.53 -1.27 21.66
N GLY C 146 15.55 -1.83 22.35
CA GLY C 146 14.26 -1.17 22.47
C GLY C 146 13.16 -2.19 22.40
N ILE C 147 11.93 -1.74 22.14
CA ILE C 147 10.79 -2.63 22.07
C ILE C 147 9.90 -2.32 20.86
N THR C 148 9.39 -3.36 20.23
CA THR C 148 8.48 -3.18 19.10
C THR C 148 7.06 -3.56 19.53
N TYR C 149 6.10 -2.77 19.06
CA TYR C 149 4.70 -3.00 19.37
C TYR C 149 3.93 -3.16 18.06
N THR C 150 3.09 -4.19 17.99
CA THR C 150 2.27 -4.44 16.81
C THR C 150 0.83 -4.41 17.30
N ASN C 151 0.11 -3.35 16.93
CA ASN C 151 -1.28 -3.17 17.35
C ASN C 151 -2.25 -3.40 16.19
N PHE C 152 -3.10 -4.42 16.33
CA PHE C 152 -4.06 -4.79 15.30
C PHE C 152 -5.46 -4.20 15.49
N GLY C 153 -6.12 -3.91 14.37
CA GLY C 153 -7.48 -3.41 14.40
C GLY C 153 -7.75 -1.91 14.44
N PRO C 154 -9.03 -1.53 14.53
CA PRO C 154 -10.13 -2.50 14.59
C PRO C 154 -10.33 -3.20 13.24
N GLY C 155 -10.68 -4.49 13.29
CA GLY C 155 -10.87 -5.21 12.05
C GLY C 155 -11.20 -6.68 12.26
N MET C 156 -11.38 -7.38 11.16
CA MET C 156 -11.73 -8.78 11.20
C MET C 156 -10.52 -9.70 11.08
N SER C 157 -10.39 -10.61 12.04
CA SER C 157 -9.30 -11.59 11.98
C SER C 157 -9.88 -12.77 11.22
N MET C 158 -9.33 -13.03 10.05
CA MET C 158 -9.83 -14.15 9.26
C MET C 158 -9.55 -15.47 9.99
N GLY C 159 -8.40 -15.53 10.67
CA GLY C 159 -8.03 -16.74 11.40
C GLY C 159 -8.92 -17.07 12.57
N HIS C 160 -9.24 -16.07 13.39
CA HIS C 160 -10.10 -16.29 14.54
C HIS C 160 -11.51 -16.58 14.08
N SER C 161 -11.92 -15.92 12.99
CA SER C 161 -13.25 -16.14 12.45
C SER C 161 -13.41 -17.61 12.06
N VAL C 162 -12.43 -18.14 11.33
CA VAL C 162 -12.47 -19.53 10.89
C VAL C 162 -12.59 -20.51 12.08
N ALA C 163 -11.86 -20.23 13.16
CA ALA C 163 -11.89 -21.09 14.33
C ALA C 163 -13.26 -21.11 15.02
N VAL C 164 -13.96 -19.98 14.98
CA VAL C 164 -15.27 -19.92 15.61
C VAL C 164 -16.30 -20.61 14.73
N LYS C 165 -16.21 -20.40 13.42
CA LYS C 165 -17.13 -21.03 12.46
C LYS C 165 -17.00 -22.54 12.53
N ALA C 166 -15.84 -23.02 12.99
CA ALA C 166 -15.56 -24.44 13.09
C ALA C 166 -16.24 -25.09 14.31
N ILE C 167 -16.79 -24.28 15.20
CA ILE C 167 -17.44 -24.80 16.39
C ILE C 167 -18.84 -25.31 16.07
N PRO C 168 -19.19 -26.51 16.57
CA PRO C 168 -20.52 -27.07 16.29
C PRO C 168 -21.60 -26.15 16.85
N GLY C 169 -22.62 -25.88 16.04
CA GLY C 169 -23.69 -25.02 16.50
C GLY C 169 -23.56 -23.59 16.00
N VAL C 170 -22.39 -23.26 15.47
CA VAL C 170 -22.15 -21.90 14.95
C VAL C 170 -22.50 -21.85 13.48
N ARG C 171 -23.57 -21.14 13.14
CA ARG C 171 -23.97 -21.01 11.74
C ARG C 171 -22.99 -20.08 11.01
N ASP C 172 -22.58 -19.01 11.67
CA ASP C 172 -21.63 -18.07 11.09
C ASP C 172 -21.04 -17.19 12.20
N ALA C 173 -19.83 -16.68 11.98
CA ALA C 173 -19.20 -15.87 13.01
C ALA C 173 -18.29 -14.76 12.49
N LEU C 174 -18.10 -13.75 13.34
CA LEU C 174 -17.25 -12.61 13.03
C LEU C 174 -16.36 -12.33 14.24
N SER C 175 -15.07 -12.59 14.10
CA SER C 175 -14.15 -12.34 15.20
C SER C 175 -13.41 -11.03 14.96
N MET C 176 -13.78 -10.00 15.71
CA MET C 176 -13.15 -8.70 15.57
C MET C 176 -12.00 -8.49 16.56
N THR C 177 -10.95 -7.82 16.10
CA THR C 177 -9.78 -7.54 16.94
C THR C 177 -9.71 -6.03 17.18
N ILE C 178 -9.66 -5.65 18.46
CA ILE C 178 -9.61 -4.26 18.89
C ILE C 178 -8.29 -3.94 19.56
N PRO C 179 -7.60 -2.89 19.12
CA PRO C 179 -6.32 -2.51 19.71
C PRO C 179 -6.42 -1.78 21.05
N ALA C 180 -5.83 -2.35 22.09
CA ALA C 180 -5.86 -1.74 23.42
C ALA C 180 -4.55 -0.97 23.66
N GLY C 181 -3.70 -0.93 22.64
CA GLY C 181 -2.44 -0.22 22.76
C GLY C 181 -1.34 -1.06 23.38
N MET C 182 -0.10 -0.67 23.13
CA MET C 182 1.06 -1.37 23.67
C MET C 182 1.06 -2.87 23.38
N GLY C 183 0.70 -3.25 22.17
CA GLY C 183 0.70 -4.66 21.80
C GLY C 183 -0.41 -5.53 22.36
N VAL C 184 -1.25 -4.95 23.23
CA VAL C 184 -2.36 -5.69 23.84
C VAL C 184 -3.65 -5.51 23.02
N HIS C 185 -4.45 -6.57 22.94
CA HIS C 185 -5.69 -6.52 22.18
C HIS C 185 -6.87 -7.16 22.92
N LYS C 186 -8.06 -6.79 22.49
CA LYS C 186 -9.29 -7.33 23.06
C LYS C 186 -9.99 -7.95 21.85
N ARG C 187 -10.79 -8.98 22.08
CA ARG C 187 -11.49 -9.63 20.97
C ARG C 187 -12.98 -9.72 21.21
N ALA C 188 -13.75 -9.26 20.21
CA ALA C 188 -15.20 -9.28 20.25
C ALA C 188 -15.68 -10.24 19.19
N VAL C 189 -16.32 -11.33 19.63
CA VAL C 189 -16.83 -12.34 18.71
C VAL C 189 -18.35 -12.30 18.63
N TYR C 190 -18.86 -12.17 17.41
CA TYR C 190 -20.31 -12.15 17.19
C TYR C 190 -20.66 -13.47 16.53
N VAL C 191 -21.56 -14.23 17.15
CA VAL C 191 -21.93 -15.52 16.60
C VAL C 191 -23.39 -15.62 16.20
N GLU C 192 -23.62 -16.29 15.08
CA GLU C 192 -24.96 -16.52 14.57
C GLU C 192 -25.14 -18.02 14.81
N LEU C 193 -25.92 -18.37 15.83
CA LEU C 193 -26.13 -19.77 16.18
C LEU C 193 -27.15 -20.53 15.35
N GLU C 194 -26.88 -21.82 15.17
CA GLU C 194 -27.77 -22.70 14.42
C GLU C 194 -28.96 -22.96 15.33
N PRO C 195 -30.10 -23.37 14.75
CA PRO C 195 -31.27 -23.63 15.59
C PRO C 195 -31.03 -24.86 16.48
N GLY C 196 -31.00 -24.65 17.79
CA GLY C 196 -30.79 -25.77 18.70
C GLY C 196 -29.47 -25.72 19.46
N ALA C 197 -28.53 -24.94 18.96
CA ALA C 197 -27.22 -24.81 19.60
C ALA C 197 -27.36 -24.15 20.97
N ASP C 198 -26.39 -24.40 21.83
CA ASP C 198 -26.40 -23.81 23.18
C ASP C 198 -25.33 -22.72 23.27
N PHE C 199 -25.78 -21.48 23.40
CA PHE C 199 -24.86 -20.34 23.49
C PHE C 199 -23.73 -20.55 24.48
N ALA C 200 -24.08 -21.01 25.68
CA ALA C 200 -23.10 -21.23 26.74
C ALA C 200 -21.99 -22.18 26.30
N GLU C 201 -22.35 -23.27 25.62
CA GLU C 201 -21.36 -24.24 25.16
C GLU C 201 -20.48 -23.64 24.07
N VAL C 202 -21.08 -22.88 23.18
CA VAL C 202 -20.33 -22.24 22.10
C VAL C 202 -19.36 -21.21 22.70
N GLU C 203 -19.83 -20.48 23.72
CA GLU C 203 -18.99 -19.47 24.37
C GLU C 203 -17.79 -20.13 25.03
N ARG C 204 -18.03 -21.27 25.66
CA ARG C 204 -16.96 -22.02 26.34
C ARG C 204 -15.91 -22.47 25.33
N ALA C 205 -16.35 -23.05 24.22
CA ALA C 205 -15.45 -23.53 23.18
C ALA C 205 -14.63 -22.40 22.57
N ILE C 206 -15.24 -21.22 22.43
CA ILE C 206 -14.53 -20.09 21.86
C ILE C 206 -13.39 -19.66 22.79
N LYS C 207 -13.75 -19.33 24.02
CA LYS C 207 -12.77 -18.89 25.02
C LYS C 207 -11.71 -19.91 25.39
N THR C 208 -11.99 -21.19 25.13
CA THR C 208 -11.03 -22.24 25.44
C THR C 208 -10.05 -22.43 24.29
N ASP C 209 -10.45 -22.00 23.10
CA ASP C 209 -9.60 -22.16 21.93
C ASP C 209 -8.27 -21.41 22.10
N PRO C 210 -7.15 -22.05 21.76
CA PRO C 210 -5.82 -21.44 21.88
C PRO C 210 -5.75 -20.08 21.18
N TYR C 211 -6.63 -19.88 20.20
CA TYR C 211 -6.72 -18.63 19.45
C TYR C 211 -7.21 -17.52 20.38
N PHE C 212 -8.01 -17.90 21.38
CA PHE C 212 -8.61 -16.94 22.30
C PHE C 212 -8.18 -16.94 23.78
N VAL C 213 -7.47 -17.98 24.22
CA VAL C 213 -7.07 -18.09 25.63
C VAL C 213 -6.11 -17.03 26.21
N ARG C 214 -5.43 -16.28 25.35
CA ARG C 214 -4.49 -15.27 25.83
C ARG C 214 -4.99 -13.81 25.74
N ASP C 215 -6.23 -13.61 25.30
CA ASP C 215 -6.76 -12.26 25.18
C ASP C 215 -8.16 -12.12 25.79
N GLU C 216 -8.47 -10.94 26.30
CA GLU C 216 -9.79 -10.70 26.87
C GLU C 216 -10.78 -10.88 25.73
N THR C 217 -11.64 -11.89 25.86
CA THR C 217 -12.62 -12.16 24.81
C THR C 217 -14.06 -12.03 25.28
N ARG C 218 -14.87 -11.45 24.41
CA ARG C 218 -16.29 -11.23 24.67
C ARG C 218 -17.10 -11.78 23.51
N VAL C 219 -17.99 -12.70 23.81
CA VAL C 219 -18.84 -13.33 22.80
C VAL C 219 -20.28 -12.82 22.91
N THR C 220 -20.85 -12.47 21.77
CA THR C 220 -22.21 -11.96 21.72
C THR C 220 -22.99 -12.63 20.61
N GLN C 221 -24.19 -13.09 20.93
CA GLN C 221 -25.03 -13.72 19.91
C GLN C 221 -25.75 -12.65 19.13
N VAL C 222 -25.91 -12.86 17.83
CA VAL C 222 -26.59 -11.89 16.98
C VAL C 222 -27.42 -12.60 15.93
N GLU C 223 -28.37 -11.88 15.36
CA GLU C 223 -29.25 -12.44 14.33
C GLU C 223 -28.57 -12.56 12.98
N SER C 224 -27.68 -11.63 12.67
CA SER C 224 -26.99 -11.65 11.38
C SER C 224 -25.54 -11.19 11.46
N VAL C 225 -24.62 -12.05 11.01
CA VAL C 225 -23.21 -11.74 11.01
C VAL C 225 -22.85 -10.91 9.77
N SER C 226 -23.43 -11.27 8.63
CA SER C 226 -23.16 -10.54 7.39
C SER C 226 -23.55 -9.06 7.48
N ALA C 227 -24.47 -8.73 8.38
CA ALA C 227 -24.90 -7.35 8.56
C ALA C 227 -23.83 -6.53 9.28
N LEU C 228 -22.98 -7.23 10.04
CA LEU C 228 -21.92 -6.57 10.82
C LEU C 228 -20.51 -6.79 10.26
N MET C 229 -20.36 -7.77 9.37
CA MET C 229 -19.05 -8.11 8.83
C MET C 229 -18.44 -7.24 7.74
N ASP C 230 -17.18 -6.87 7.96
CA ASP C 230 -16.41 -6.10 6.99
C ASP C 230 -15.01 -6.70 7.11
N VAL C 231 -14.51 -7.28 6.02
CA VAL C 231 -13.21 -7.93 6.02
C VAL C 231 -12.01 -6.99 6.07
N GLY C 232 -12.28 -5.70 6.29
CA GLY C 232 -11.22 -4.72 6.39
C GLY C 232 -10.46 -4.93 7.70
N HIS C 233 -9.20 -4.56 7.71
CA HIS C 233 -8.39 -4.71 8.92
C HIS C 233 -7.22 -3.76 8.80
N GLY C 234 -6.37 -3.71 9.82
CA GLY C 234 -5.25 -2.81 9.77
C GLY C 234 -4.26 -3.05 10.88
N VAL C 235 -3.17 -2.30 10.84
CA VAL C 235 -2.16 -2.46 11.85
C VAL C 235 -1.31 -1.22 12.01
N VAL C 236 -0.78 -1.08 13.21
CA VAL C 236 0.11 0.00 13.55
C VAL C 236 1.24 -0.68 14.33
N MET C 237 2.42 -0.70 13.72
CA MET C 237 3.60 -1.28 14.35
C MET C 237 4.50 -0.09 14.67
N GLU C 238 4.97 -0.02 15.90
CA GLU C 238 5.82 1.08 16.33
C GLU C 238 7.05 0.59 17.07
N ARG C 239 8.13 1.35 16.97
CA ARG C 239 9.35 1.02 17.68
C ARG C 239 10.09 2.27 18.09
N LYS C 240 10.48 2.31 19.35
CA LYS C 240 11.22 3.42 19.93
C LYS C 240 12.46 2.72 20.44
N GLY C 241 13.57 2.92 19.77
CA GLY C 241 14.79 2.25 20.17
C GLY C 241 16.13 2.89 19.85
N VAL C 242 17.18 2.10 19.97
CA VAL C 242 18.54 2.60 19.77
C VAL C 242 19.27 2.19 18.52
N SER C 243 19.83 3.17 17.83
CA SER C 243 20.66 2.95 16.65
C SER C 243 22.08 3.12 17.17
N GLY C 244 22.81 2.01 17.29
CA GLY C 244 24.17 2.08 17.81
C GLY C 244 24.08 2.49 19.27
N ALA C 245 24.45 3.73 19.56
CA ALA C 245 24.39 4.25 20.93
C ALA C 245 23.42 5.43 20.97
N THR C 246 22.69 5.64 19.88
CA THR C 246 21.76 6.76 19.76
C THR C 246 20.31 6.41 20.07
N HIS C 247 19.82 6.92 21.20
CA HIS C 247 18.46 6.64 21.65
C HIS C 247 17.33 7.46 21.03
N ASN C 248 16.10 7.02 21.28
CA ASN C 248 14.88 7.66 20.81
C ASN C 248 14.65 7.65 19.30
N GLN C 249 15.08 6.59 18.62
CA GLN C 249 14.85 6.47 17.18
C GLN C 249 13.39 6.02 17.10
N LEU C 250 12.58 6.76 16.36
CA LEU C 250 11.15 6.45 16.24
C LEU C 250 10.68 5.95 14.87
N PHE C 251 10.05 4.77 14.87
CA PHE C 251 9.57 4.19 13.62
C PHE C 251 8.07 3.87 13.74
N ARG C 252 7.34 3.97 12.63
CA ARG C 252 5.92 3.66 12.64
C ARG C 252 5.41 3.23 11.28
N PHE C 253 4.72 2.10 11.25
CA PHE C 253 4.18 1.54 10.02
C PHE C 253 2.71 1.22 10.25
N GLU C 254 1.88 1.64 9.29
CA GLU C 254 0.44 1.43 9.40
C GLU C 254 -0.18 1.04 8.07
N MET C 255 -1.22 0.21 8.16
CA MET C 255 -1.99 -0.26 7.00
C MET C 255 -3.46 -0.27 7.35
N ARG C 256 -4.28 0.01 6.34
CA ARG C 256 -5.73 -0.01 6.45
C ARG C 256 -6.01 -0.66 5.12
N ILE C 257 -6.24 -1.97 5.18
CA ILE C 257 -6.42 -2.77 3.99
C ILE C 257 -7.55 -3.80 4.06
N ASN C 258 -7.83 -4.42 2.91
CA ASN C 258 -8.81 -5.49 2.82
C ASN C 258 -7.99 -6.69 3.26
N ASN C 259 -8.32 -7.24 4.42
CA ASN C 259 -7.57 -8.38 4.96
C ASN C 259 -7.34 -9.48 3.94
N PRO C 260 -8.40 -10.22 3.57
CA PRO C 260 -8.20 -11.30 2.59
C PRO C 260 -7.55 -10.86 1.27
N ALA C 261 -7.87 -9.67 0.79
CA ALA C 261 -7.26 -9.21 -0.46
C ALA C 261 -5.74 -9.15 -0.35
N LEU C 262 -5.23 -8.48 0.67
CA LEU C 262 -3.77 -8.35 0.83
C LEU C 262 -3.12 -9.71 1.06
N THR C 263 -3.72 -10.56 1.89
CA THR C 263 -3.17 -11.88 2.16
C THR C 263 -2.95 -12.66 0.87
N ALA C 264 -3.99 -12.72 0.04
CA ALA C 264 -3.88 -13.44 -1.23
C ALA C 264 -2.82 -12.84 -2.15
N GLN C 265 -2.73 -11.52 -2.22
CA GLN C 265 -1.72 -10.90 -3.09
C GLN C 265 -0.33 -11.30 -2.58
N VAL C 266 -0.11 -11.18 -1.26
CA VAL C 266 1.19 -11.56 -0.68
C VAL C 266 1.50 -13.03 -0.96
N MET C 267 0.52 -13.92 -0.75
CA MET C 267 0.73 -15.33 -1.02
C MET C 267 1.19 -15.55 -2.46
N VAL C 268 0.62 -14.81 -3.40
CA VAL C 268 1.02 -14.91 -4.80
C VAL C 268 2.49 -14.55 -4.93
N ALA C 269 2.91 -13.46 -4.30
CA ALA C 269 4.32 -13.05 -4.39
C ALA C 269 5.23 -14.11 -3.78
N ALA C 270 4.82 -14.64 -2.63
CA ALA C 270 5.62 -15.67 -1.95
C ALA C 270 5.83 -16.90 -2.84
N LEU C 271 4.81 -17.25 -3.63
CA LEU C 271 4.90 -18.42 -4.50
C LEU C 271 5.83 -18.12 -5.66
N ARG C 272 5.77 -16.90 -6.17
CA ARG C 272 6.65 -16.47 -7.24
C ARG C 272 8.08 -16.71 -6.74
N ALA C 273 8.28 -16.39 -5.47
CA ALA C 273 9.58 -16.56 -4.83
C ALA C 273 9.88 -18.04 -4.55
N ALA C 274 8.89 -18.76 -4.01
CA ALA C 274 9.09 -20.18 -3.72
C ALA C 274 9.67 -20.89 -4.95
N ALA C 275 9.17 -20.53 -6.13
CA ALA C 275 9.64 -21.14 -7.37
C ALA C 275 11.07 -20.76 -7.73
N ARG C 276 11.65 -19.84 -6.96
CA ARG C 276 13.03 -19.41 -7.23
C ARG C 276 14.01 -19.93 -6.19
N GLN C 277 13.50 -20.57 -5.15
CA GLN C 277 14.36 -21.09 -4.08
C GLN C 277 14.83 -22.51 -4.30
N LYS C 278 15.86 -22.91 -3.55
CA LYS C 278 16.37 -24.27 -3.61
C LYS C 278 15.31 -25.06 -2.85
N PRO C 279 15.08 -26.33 -3.21
CA PRO C 279 14.06 -27.12 -2.51
C PRO C 279 14.20 -27.03 -0.99
N GLY C 280 13.11 -26.77 -0.28
CA GLY C 280 13.18 -26.64 1.16
C GLY C 280 12.03 -25.79 1.68
N CYS C 281 12.02 -25.45 2.96
CA CYS C 281 10.96 -24.64 3.54
C CYS C 281 11.46 -23.31 4.09
N TYR C 282 10.72 -22.24 3.81
CA TYR C 282 11.12 -20.89 4.24
C TYR C 282 9.99 -20.03 4.81
N THR C 283 10.39 -19.07 5.64
CA THR C 283 9.46 -18.07 6.18
C THR C 283 9.85 -16.89 5.30
N MET C 284 9.07 -15.81 5.30
CA MET C 284 9.38 -14.68 4.42
C MET C 284 10.64 -13.86 4.71
N ILE C 285 11.20 -13.97 5.91
CA ILE C 285 12.40 -13.21 6.20
C ILE C 285 13.67 -13.93 5.73
N GLU C 286 13.49 -15.11 5.14
CA GLU C 286 14.60 -15.92 4.66
C GLU C 286 14.73 -15.84 3.14
N ILE C 287 13.99 -14.91 2.54
CA ILE C 287 14.01 -14.72 1.10
C ILE C 287 14.28 -13.27 0.74
N PRO C 288 15.24 -13.03 -0.16
CA PRO C 288 15.54 -11.65 -0.54
C PRO C 288 14.27 -11.05 -1.13
N VAL C 289 13.87 -9.89 -0.62
CA VAL C 289 12.65 -9.26 -1.08
C VAL C 289 12.51 -9.08 -2.59
N ILE C 290 13.63 -9.10 -3.32
CA ILE C 290 13.54 -8.93 -4.76
C ILE C 290 12.92 -10.16 -5.42
N ASP C 291 13.07 -11.32 -4.78
CA ASP C 291 12.50 -12.55 -5.33
C ASP C 291 10.98 -12.54 -5.30
N TYR C 292 10.39 -11.55 -4.61
CA TYR C 292 8.93 -11.42 -4.52
C TYR C 292 8.37 -10.58 -5.68
N LEU C 293 9.27 -9.98 -6.45
CA LEU C 293 8.89 -9.14 -7.58
C LEU C 293 9.04 -9.87 -8.92
N PRO C 294 8.06 -9.73 -9.82
CA PRO C 294 8.10 -10.39 -11.13
C PRO C 294 9.15 -9.87 -12.12
N GLY C 295 9.74 -10.78 -12.89
CA GLY C 295 10.73 -10.38 -13.88
C GLY C 295 12.17 -10.23 -13.42
N ASP C 296 13.03 -9.78 -14.34
CA ASP C 296 14.46 -9.60 -14.07
C ASP C 296 14.71 -8.58 -12.98
N ARG C 297 15.80 -8.79 -12.24
CA ARG C 297 16.18 -7.93 -11.12
C ARG C 297 16.61 -6.51 -11.44
N GLU C 298 17.42 -6.34 -12.48
CA GLU C 298 17.92 -5.03 -12.87
C GLU C 298 16.87 -3.92 -12.80
N ALA C 299 15.76 -4.09 -13.51
CA ALA C 299 14.71 -3.07 -13.51
C ALA C 299 14.22 -2.71 -12.12
N TRP C 300 14.09 -3.70 -11.24
CA TRP C 300 13.61 -3.41 -9.90
C TRP C 300 14.65 -2.66 -9.08
N ILE C 301 15.93 -2.89 -9.36
CA ILE C 301 17.00 -2.21 -8.65
C ILE C 301 16.92 -0.71 -8.96
N ARG C 302 16.88 -0.37 -10.24
CA ARG C 302 16.81 1.03 -10.67
C ARG C 302 15.55 1.74 -10.23
N LYS C 303 14.45 0.98 -10.14
CA LYS C 303 13.17 1.57 -9.78
C LYS C 303 12.91 1.72 -8.28
N LEU C 304 13.45 0.80 -7.49
CA LEU C 304 13.20 0.82 -6.05
C LEU C 304 14.31 1.28 -5.11
N VAL C 305 15.54 0.88 -5.40
CA VAL C 305 16.63 1.23 -4.52
C VAL C 305 16.87 2.72 -4.39
#